data_1PN4
#
_entry.id   1PN4
#
_cell.length_a   48.640
_cell.length_b   151.290
_cell.length_c   81.620
_cell.angle_alpha   90.000
_cell.angle_beta   90.500
_cell.angle_gamma   90.000
#
_symmetry.space_group_name_H-M   'P 1 21 1'
#
loop_
_entity.id
_entity.type
_entity.pdbx_description
1 polymer 'Peroxisomal hydratase-dehydrogenase-epimerase'
2 non-polymer '3R-HYDROXYDECANOYL-COENZYME A'
3 non-polymer 1,2-ETHANEDIOL
4 water water
#
_entity_poly.entity_id   1
_entity_poly.type   'polypeptide(L)'
_entity_poly.pdbx_seq_one_letter_code
;MEDDPVWRFDDRDVILYNIALGATTKQLKYVYENDSDFQVIPTFGHLITFNSGKSQNSFAKLLRNFNPMLLLHGEHYLKV
HSWPPPTEGEIKTTFEPIATTPKGTNVVIVHGSKSVDNKSGELIYSNEATYFIRNCQADNKVYADRPAFATNQFLAPKRA
PDYQVDVPVSEDLAALYRLSGDRNPLQIDPNFAKGAKFPKPILHGMCTYGLSAKALIDKFGMFNEIKARFTGIVFPGETL
RVLAWKESDDTIVFQTHVVDRGTIAINNAAIKLVGDKAKI
;
_entity_poly.pdbx_strand_id   A,B,C,D
#
# COMPACT_ATOMS: atom_id res chain seq x y z
N PRO A 5 0.35 5.41 33.41
CA PRO A 5 -1.03 5.48 32.81
C PRO A 5 -1.05 5.69 31.28
N VAL A 6 -0.20 4.91 30.59
CA VAL A 6 0.00 5.06 29.14
C VAL A 6 -0.74 3.97 28.36
N TRP A 7 -1.50 4.41 27.37
CA TRP A 7 -2.28 3.55 26.51
C TRP A 7 -1.57 3.42 25.18
N ARG A 8 -1.17 2.20 24.85
CA ARG A 8 -0.51 1.89 23.58
C ARG A 8 -1.50 1.20 22.66
N PHE A 9 -1.63 1.77 21.47
CA PHE A 9 -2.61 1.33 20.51
C PHE A 9 -2.07 1.51 19.09
N ASP A 10 -2.62 0.71 18.19
CA ASP A 10 -2.33 0.81 16.77
C ASP A 10 -3.54 0.41 15.90
N ASP A 11 -3.29 0.19 14.61
CA ASP A 11 -4.40 -0.05 13.65
C ASP A 11 -5.24 -1.31 13.99
N ARG A 12 -4.61 -2.26 14.65
CA ARG A 12 -5.35 -3.42 15.11
C ARG A 12 -6.49 -3.04 16.02
N ASP A 13 -6.18 -2.18 16.98
CA ASP A 13 -7.17 -1.66 17.93
C ASP A 13 -8.26 -0.84 17.24
N VAL A 14 -7.82 0.06 16.37
CA VAL A 14 -8.71 0.87 15.55
C VAL A 14 -9.69 -0.01 14.79
N ILE A 15 -9.18 -0.99 14.09
CA ILE A 15 -10.03 -1.84 13.24
C ILE A 15 -11.00 -2.74 14.06
N LEU A 16 -10.49 -3.29 15.14
CA LEU A 16 -11.29 -4.15 16.03
C LEU A 16 -12.44 -3.33 16.63
N TYR A 17 -12.14 -2.07 16.96
CA TYR A 17 -13.15 -1.15 17.48
C TYR A 17 -14.18 -0.78 16.38
N ASN A 18 -13.70 -0.31 15.24
CA ASN A 18 -14.59 0.08 14.12
C ASN A 18 -15.52 -1.05 13.73
N ILE A 19 -14.97 -2.27 13.69
CA ILE A 19 -15.76 -3.44 13.27
C ILE A 19 -16.87 -3.69 14.26
N ALA A 20 -16.55 -3.67 15.54
CA ALA A 20 -17.57 -3.77 16.58
C ALA A 20 -18.72 -2.74 16.43
N LEU A 21 -18.40 -1.53 15.97
CA LEU A 21 -19.44 -0.51 15.74
C LEU A 21 -20.12 -0.61 14.37
N GLY A 22 -19.84 -1.68 13.64
CA GLY A 22 -20.57 -2.02 12.44
C GLY A 22 -19.88 -1.69 11.13
N ALA A 23 -18.60 -1.31 11.18
CA ALA A 23 -17.83 -1.03 9.96
C ALA A 23 -17.67 -2.33 9.23
N THR A 24 -17.92 -2.29 7.92
CA THR A 24 -17.79 -3.47 7.07
C THR A 24 -16.72 -3.21 6.03
N THR A 25 -16.43 -4.22 5.20
CA THR A 25 -15.49 -4.07 4.06
C THR A 25 -16.01 -3.18 2.91
N LYS A 26 -17.30 -2.87 2.92
CA LYS A 26 -17.86 -1.79 2.09
C LYS A 26 -17.23 -0.45 2.48
N GLN A 27 -16.62 -0.39 3.67
CA GLN A 27 -15.93 0.82 4.15
C GLN A 27 -14.49 0.54 4.54
N LEU A 28 -13.65 0.34 3.53
CA LEU A 28 -12.24 0.01 3.77
C LEU A 28 -11.51 1.08 4.58
N LYS A 29 -12.03 2.29 4.60
CA LYS A 29 -11.41 3.39 5.35
C LYS A 29 -11.44 3.13 6.85
N TYR A 30 -12.33 2.24 7.27
CA TYR A 30 -12.45 1.92 8.68
C TYR A 30 -11.81 0.56 9.02
N VAL A 31 -11.63 -0.28 8.00
CA VAL A 31 -11.22 -1.68 8.25
C VAL A 31 -9.94 -2.12 7.56
N TYR A 32 -9.29 -1.22 6.85
CA TYR A 32 -8.04 -1.55 6.17
C TYR A 32 -6.95 -0.49 6.44
N GLU A 33 -5.94 -0.88 7.20
CA GLU A 33 -4.90 0.05 7.69
C GLU A 33 -4.04 0.72 6.59
N ASN A 34 -4.05 0.16 5.39
CA ASN A 34 -3.32 0.76 4.25
C ASN A 34 -4.18 1.56 3.30
N ASP A 35 -5.45 1.70 3.60
CA ASP A 35 -6.34 2.50 2.78
C ASP A 35 -5.95 3.97 2.93
N SER A 36 -5.97 4.68 1.81
CA SER A 36 -5.61 6.11 1.77
C SER A 36 -6.37 7.00 2.80
N ASP A 37 -7.57 6.57 3.20
CA ASP A 37 -8.44 7.37 4.10
C ASP A 37 -8.65 6.67 5.45
N PHE A 38 -7.75 5.78 5.78
CA PHE A 38 -7.83 4.99 7.00
C PHE A 38 -8.02 5.92 8.17
N GLN A 39 -8.92 5.50 9.06
CA GLN A 39 -9.40 6.38 10.13
C GLN A 39 -10.15 5.64 11.22
N VAL A 40 -10.18 6.23 12.40
CA VAL A 40 -10.91 5.62 13.53
C VAL A 40 -12.11 6.47 13.92
N ILE A 41 -13.20 5.78 14.24
CA ILE A 41 -14.41 6.41 14.73
C ILE A 41 -14.05 7.08 16.07
N PRO A 42 -14.28 8.39 16.20
CA PRO A 42 -13.67 9.20 17.26
C PRO A 42 -14.06 8.86 18.69
N THR A 43 -15.14 8.11 18.88
CA THR A 43 -15.52 7.65 20.23
C THR A 43 -14.50 6.69 20.86
N PHE A 44 -13.61 6.17 20.02
CA PHE A 44 -12.39 5.41 20.41
C PHE A 44 -11.60 6.12 21.53
N GLY A 45 -11.70 7.44 21.56
CA GLY A 45 -10.96 8.26 22.52
C GLY A 45 -11.43 8.04 23.95
N HIS A 46 -12.63 7.49 24.12
CA HIS A 46 -13.11 7.15 25.47
C HIS A 46 -12.29 6.03 26.12
N LEU A 47 -11.62 5.22 25.31
CA LEU A 47 -11.03 3.97 25.77
C LEU A 47 -9.88 4.17 26.76
N ILE A 48 -9.44 5.41 26.92
CA ILE A 48 -8.54 5.76 28.03
C ILE A 48 -9.17 5.32 29.38
N THR A 49 -10.50 5.30 29.42
CA THR A 49 -11.25 4.83 30.60
C THR A 49 -10.82 3.43 31.08
N PHE A 50 -10.42 2.57 30.14
CA PHE A 50 -10.15 1.13 30.39
C PHE A 50 -8.73 0.67 30.20
N ASN A 51 -7.94 1.47 29.47
CA ASN A 51 -6.57 1.09 29.04
C ASN A 51 -5.47 2.03 29.57
N SER A 52 -5.79 2.76 30.63
CA SER A 52 -4.86 3.65 31.34
C SER A 52 -4.34 3.07 32.67
N GLY A 53 -4.67 1.82 32.93
CA GLY A 53 -4.23 1.17 34.16
C GLY A 53 -4.91 1.68 35.44
N LYS A 54 -4.30 1.34 36.57
CA LYS A 54 -4.87 1.47 37.94
C LYS A 54 -5.49 2.85 38.28
N SER A 55 -4.83 3.91 37.82
CA SER A 55 -5.28 5.31 38.06
C SER A 55 -6.69 5.63 37.54
N GLN A 56 -7.19 4.82 36.61
CA GLN A 56 -8.55 4.99 36.05
C GLN A 56 -9.65 4.68 37.06
N ASN A 57 -9.27 4.02 38.15
CA ASN A 57 -10.18 3.68 39.26
C ASN A 57 -10.16 4.69 40.41
N SER A 58 -9.44 5.79 40.19
CA SER A 58 -9.27 6.82 41.23
C SER A 58 -10.58 7.53 41.65
N PHE A 59 -11.63 7.44 40.85
CA PHE A 59 -12.96 7.95 41.27
C PHE A 59 -13.47 7.29 42.54
N ALA A 60 -13.11 6.03 42.73
CA ALA A 60 -13.63 5.21 43.85
C ALA A 60 -13.19 5.63 45.25
N LYS A 61 -12.17 6.48 45.34
CA LYS A 61 -11.74 7.07 46.64
C LYS A 61 -12.89 7.85 47.32
N LEU A 62 -13.79 8.34 46.49
CA LEU A 62 -14.85 9.24 46.94
C LEU A 62 -16.14 8.50 47.30
N LEU A 63 -16.13 7.17 47.10
CA LEU A 63 -17.32 6.35 47.31
C LEU A 63 -17.25 5.52 48.58
N ARG A 64 -18.36 5.51 49.28
CA ARG A 64 -18.59 4.60 50.40
C ARG A 64 -19.55 3.43 50.00
N ASN A 65 -19.16 2.23 50.38
CA ASN A 65 -19.93 1.01 50.07
C ASN A 65 -20.11 0.77 48.58
N PHE A 66 -19.01 0.99 47.87
CA PHE A 66 -18.99 0.79 46.43
C PHE A 66 -18.84 -0.69 46.05
N ASN A 67 -19.83 -1.16 45.34
CA ASN A 67 -19.81 -2.49 44.79
C ASN A 67 -19.84 -2.35 43.29
N PRO A 68 -18.74 -2.64 42.60
CA PRO A 68 -18.65 -2.38 41.16
C PRO A 68 -19.70 -3.13 40.35
N MET A 69 -20.22 -4.23 40.90
CA MET A 69 -21.32 -4.99 40.28
C MET A 69 -22.55 -4.11 40.05
N LEU A 70 -22.71 -3.11 40.92
CA LEU A 70 -23.89 -2.25 40.96
C LEU A 70 -23.70 -0.94 40.24
N LEU A 71 -22.61 -0.82 39.50
CA LEU A 71 -22.28 0.42 38.79
C LEU A 71 -22.89 0.37 37.42
N LEU A 72 -23.41 1.49 36.97
CA LEU A 72 -23.89 1.63 35.60
C LEU A 72 -23.26 2.89 34.98
N HIS A 73 -22.96 2.82 33.69
CA HIS A 73 -22.55 3.99 32.93
C HIS A 73 -23.78 4.89 32.72
N GLY A 74 -23.72 6.10 33.27
CA GLY A 74 -24.87 6.99 33.32
C GLY A 74 -24.88 8.01 32.20
N GLU A 75 -23.76 8.70 32.04
CA GLU A 75 -23.55 9.58 30.89
C GLU A 75 -22.10 9.47 30.43
N HIS A 76 -21.86 9.92 29.21
CA HIS A 76 -20.49 10.13 28.74
C HIS A 76 -20.36 11.36 27.86
N TYR A 77 -19.27 12.10 28.10
CA TYR A 77 -18.86 13.24 27.28
C TYR A 77 -17.41 13.05 26.81
N LEU A 78 -17.16 13.36 25.54
CA LEU A 78 -15.87 13.16 24.89
C LEU A 78 -15.62 14.28 23.90
N LYS A 79 -14.45 14.89 24.01
CA LYS A 79 -13.97 15.87 23.04
C LYS A 79 -12.65 15.41 22.43
N VAL A 80 -12.58 15.54 21.12
CA VAL A 80 -11.39 15.31 20.36
C VAL A 80 -10.82 16.67 20.00
N HIS A 81 -9.69 17.00 20.61
CA HIS A 81 -9.01 18.32 20.47
C HIS A 81 -8.05 18.38 19.28
N SER A 82 -7.61 17.22 18.82
CA SER A 82 -6.58 17.14 17.79
C SER A 82 -7.09 16.23 16.69
N TRP A 83 -7.35 16.84 15.54
CA TRP A 83 -8.07 16.17 14.49
C TRP A 83 -7.17 15.90 13.31
N PRO A 84 -7.26 14.74 12.69
CA PRO A 84 -8.11 13.61 13.12
C PRO A 84 -7.51 12.82 14.28
N PRO A 85 -8.32 12.06 15.00
CA PRO A 85 -7.80 11.29 16.13
C PRO A 85 -6.80 10.29 15.60
N PRO A 86 -5.72 10.06 16.32
CA PRO A 86 -4.71 9.15 15.84
C PRO A 86 -5.21 7.69 15.82
N THR A 87 -4.72 6.96 14.82
CA THR A 87 -4.96 5.53 14.68
C THR A 87 -3.84 4.65 15.22
N GLU A 88 -2.68 5.25 15.44
CA GLU A 88 -1.62 4.65 16.25
C GLU A 88 -0.79 5.66 17.06
N GLY A 89 -0.25 5.18 18.17
CA GLY A 89 0.61 5.95 19.05
C GLY A 89 0.44 5.66 20.54
N GLU A 90 0.78 6.65 21.36
CA GLU A 90 0.84 6.46 22.82
C GLU A 90 0.19 7.65 23.52
N ILE A 91 -0.78 7.38 24.38
CA ILE A 91 -1.50 8.42 25.09
C ILE A 91 -1.41 8.26 26.62
N LYS A 92 -1.00 9.34 27.30
CA LYS A 92 -0.94 9.39 28.76
C LYS A 92 -2.17 10.10 29.26
N THR A 93 -2.87 9.47 30.18
CA THR A 93 -4.07 10.08 30.76
C THR A 93 -3.89 10.44 32.23
N THR A 94 -4.43 11.59 32.57
CA THR A 94 -4.50 12.12 33.93
C THR A 94 -5.98 12.23 34.33
N PHE A 95 -6.30 11.74 35.52
CA PHE A 95 -7.67 11.74 36.02
C PHE A 95 -7.86 12.73 37.16
N GLU A 96 -9.10 13.18 37.30
CA GLU A 96 -9.50 14.04 38.43
C GLU A 96 -11.01 13.89 38.69
N PRO A 97 -11.47 13.99 39.95
CA PRO A 97 -12.91 14.02 40.20
C PRO A 97 -13.54 15.33 39.82
N ILE A 98 -14.80 15.27 39.43
CA ILE A 98 -15.55 16.48 39.03
C ILE A 98 -16.70 16.74 39.97
N ALA A 99 -17.46 15.70 40.30
CA ALA A 99 -18.58 15.86 41.22
C ALA A 99 -19.05 14.53 41.75
N THR A 100 -19.52 14.57 42.99
CA THR A 100 -20.38 13.52 43.55
C THR A 100 -21.70 14.06 44.11
N THR A 101 -22.79 13.37 43.77
CA THR A 101 -24.15 13.78 44.16
C THR A 101 -24.93 12.55 44.57
N PRO A 102 -25.28 12.44 45.84
CA PRO A 102 -26.29 11.46 46.27
C PRO A 102 -27.62 11.59 45.49
N LYS A 103 -28.15 10.47 45.02
CA LYS A 103 -29.52 10.41 44.47
C LYS A 103 -30.28 9.27 45.14
N GLY A 104 -30.93 9.61 46.22
CA GLY A 104 -31.51 8.58 47.07
C GLY A 104 -30.43 7.68 47.66
N THR A 105 -30.60 6.38 47.49
CA THR A 105 -29.64 5.36 47.92
C THR A 105 -28.61 5.13 46.83
N ASN A 106 -28.65 5.95 45.79
CA ASN A 106 -27.70 5.91 44.68
C ASN A 106 -26.70 7.05 44.77
N VAL A 107 -25.65 6.95 43.99
CA VAL A 107 -24.72 8.02 43.81
C VAL A 107 -24.44 8.20 42.33
N VAL A 108 -24.33 9.48 41.98
CA VAL A 108 -23.90 9.92 40.66
C VAL A 108 -22.55 10.60 40.85
N ILE A 109 -21.55 10.00 40.23
CA ILE A 109 -20.20 10.54 40.26
C ILE A 109 -19.74 10.88 38.84
N VAL A 110 -19.07 12.02 38.73
CA VAL A 110 -18.58 12.51 37.45
C VAL A 110 -17.08 12.49 37.58
N HIS A 111 -16.45 11.79 36.64
CA HIS A 111 -15.02 11.52 36.64
C HIS A 111 -14.39 12.10 35.40
N GLY A 112 -13.49 13.05 35.60
CA GLY A 112 -12.92 13.82 34.50
C GLY A 112 -11.52 13.40 34.15
N SER A 113 -11.15 13.62 32.89
CA SER A 113 -9.83 13.21 32.40
C SER A 113 -9.33 14.02 31.24
N LYS A 114 -8.00 14.04 31.11
CA LYS A 114 -7.28 14.64 29.97
C LYS A 114 -6.26 13.66 29.41
N SER A 115 -6.25 13.53 28.09
CA SER A 115 -5.43 12.52 27.45
C SER A 115 -4.46 13.16 26.45
N VAL A 116 -3.18 13.10 26.76
CA VAL A 116 -2.19 13.74 25.92
C VAL A 116 -1.33 12.72 25.13
N ASP A 117 -0.76 13.17 24.01
CA ASP A 117 0.27 12.38 23.32
C ASP A 117 1.49 12.24 24.23
N ASN A 118 1.89 10.98 24.46
CA ASN A 118 2.91 10.63 25.47
C ASN A 118 4.30 10.96 24.95
N LYS A 119 4.38 11.16 23.65
CA LYS A 119 5.60 11.60 22.96
C LYS A 119 5.81 13.11 22.97
N SER A 120 4.75 13.85 22.67
CA SER A 120 4.83 15.30 22.36
C SER A 120 4.19 16.24 23.41
N GLY A 121 3.23 15.74 24.18
CA GLY A 121 2.51 16.54 25.17
C GLY A 121 1.16 17.09 24.65
N GLU A 122 0.88 16.83 23.39
CA GLU A 122 -0.26 17.43 22.68
C GLU A 122 -1.56 16.88 23.23
N LEU A 123 -2.49 17.79 23.54
CA LEU A 123 -3.79 17.39 24.04
C LEU A 123 -4.60 16.72 22.88
N ILE A 124 -5.03 15.47 23.09
CA ILE A 124 -5.76 14.73 22.05
C ILE A 124 -7.25 14.52 22.39
N TYR A 125 -7.48 13.91 23.54
CA TYR A 125 -8.86 13.70 24.02
C TYR A 125 -9.09 14.32 25.39
N SER A 126 -10.33 14.66 25.64
CA SER A 126 -10.85 14.98 26.95
C SER A 126 -12.10 14.15 27.20
N ASN A 127 -12.18 13.51 28.37
CA ASN A 127 -13.37 12.75 28.73
C ASN A 127 -13.97 13.15 30.05
N GLU A 128 -15.28 13.01 30.11
CA GLU A 128 -16.02 13.09 31.36
C GLU A 128 -17.03 11.95 31.44
N ALA A 129 -16.72 10.94 32.23
CA ALA A 129 -17.62 9.83 32.52
C ALA A 129 -18.48 10.09 33.76
N THR A 130 -19.76 9.83 33.61
CA THR A 130 -20.69 9.86 34.72
C THR A 130 -21.18 8.48 35.09
N TYR A 131 -20.90 8.05 36.32
CA TYR A 131 -21.43 6.74 36.74
C TYR A 131 -22.63 6.89 37.64
N PHE A 132 -23.59 6.00 37.41
CA PHE A 132 -24.75 5.90 38.28
C PHE A 132 -24.59 4.59 39.00
N ILE A 133 -24.47 4.67 40.31
CA ILE A 133 -24.08 3.52 41.11
C ILE A 133 -25.17 3.26 42.12
N ARG A 134 -25.65 2.03 42.18
CA ARG A 134 -26.73 1.67 43.11
C ARG A 134 -26.14 1.28 44.48
N ASN A 135 -26.89 1.59 45.50
CA ASN A 135 -26.58 1.19 46.88
C ASN A 135 -25.20 1.67 47.30
N CYS A 136 -24.97 2.95 47.02
CA CYS A 136 -23.69 3.58 47.26
C CYS A 136 -23.89 4.94 47.92
N GLN A 137 -22.87 5.40 48.61
CA GLN A 137 -22.89 6.72 49.23
C GLN A 137 -21.67 7.56 48.84
N ALA A 138 -21.87 8.87 48.90
CA ALA A 138 -20.78 9.84 48.77
C ALA A 138 -21.21 11.20 49.31
N ASP A 139 -20.22 12.05 49.55
CA ASP A 139 -20.47 13.43 49.95
C ASP A 139 -21.09 14.20 48.79
N ASN A 140 -22.00 15.11 49.10
CA ASN A 140 -22.47 16.07 48.09
C ASN A 140 -21.40 17.15 47.91
N LYS A 141 -20.62 16.99 46.84
CA LYS A 141 -19.51 17.90 46.53
C LYS A 141 -19.39 18.15 45.03
N VAL A 142 -18.96 19.36 44.71
CA VAL A 142 -18.51 19.71 43.37
C VAL A 142 -17.01 20.09 43.49
N TYR A 143 -16.18 19.46 42.65
CA TYR A 143 -14.70 19.64 42.67
C TYR A 143 -14.16 20.48 41.49
N ALA A 144 -14.74 20.29 40.32
CA ALA A 144 -14.23 20.97 39.13
C ALA A 144 -15.35 21.46 38.25
N ASP A 145 -14.95 22.33 37.34
CA ASP A 145 -15.89 22.90 36.40
C ASP A 145 -15.99 22.02 35.19
N ARG A 146 -17.03 22.23 34.41
CA ARG A 146 -17.26 21.45 33.15
C ARG A 146 -17.63 22.37 31.99
N PRO A 147 -17.27 22.00 30.76
CA PRO A 147 -17.71 22.76 29.58
C PRO A 147 -19.20 22.65 29.37
N ALA A 148 -19.84 23.65 28.76
CA ALA A 148 -21.32 23.70 28.65
C ALA A 148 -21.88 22.48 27.92
N PHE A 149 -21.13 22.03 26.93
CA PHE A 149 -21.58 20.94 26.08
C PHE A 149 -21.86 19.69 26.94
N ALA A 150 -21.05 19.51 27.98
CA ALA A 150 -21.08 18.29 28.79
C ALA A 150 -22.29 18.22 29.69
N THR A 151 -22.84 19.38 30.01
CA THR A 151 -24.03 19.46 30.89
C THR A 151 -25.29 19.91 30.14
N ASN A 152 -25.16 20.12 28.83
CA ASN A 152 -26.31 20.46 27.97
C ASN A 152 -27.22 19.25 27.96
N GLN A 153 -28.50 19.51 28.15
CA GLN A 153 -29.51 18.45 28.18
C GLN A 153 -30.01 18.08 26.78
N PHE A 154 -29.63 18.88 25.79
CA PHE A 154 -29.91 18.62 24.38
C PHE A 154 -31.30 17.98 24.15
N LEU A 155 -32.31 18.68 24.60
CA LEU A 155 -33.69 18.23 24.46
C LEU A 155 -34.05 18.20 22.98
N ALA A 156 -34.54 17.04 22.55
CA ALA A 156 -35.06 16.89 21.18
C ALA A 156 -36.22 17.83 20.96
N PRO A 157 -36.27 18.50 19.82
CA PRO A 157 -37.40 19.38 19.52
C PRO A 157 -38.67 18.54 19.31
N LYS A 158 -39.80 19.22 19.37
CA LYS A 158 -41.09 18.58 19.31
C LYS A 158 -41.55 18.59 17.85
N ARG A 159 -40.87 17.74 17.10
CA ARG A 159 -41.14 17.52 15.69
C ARG A 159 -40.45 16.22 15.28
N ALA A 160 -40.84 15.66 14.16
CA ALA A 160 -40.22 14.40 13.71
C ALA A 160 -38.74 14.59 13.43
N PRO A 161 -37.95 13.55 13.64
CA PRO A 161 -36.51 13.63 13.34
C PRO A 161 -36.23 13.89 11.86
N ASP A 162 -35.13 14.57 11.56
CA ASP A 162 -34.71 14.82 10.17
C ASP A 162 -34.10 13.56 9.58
N TYR A 163 -33.62 12.71 10.46
CA TYR A 163 -33.03 11.45 10.04
C TYR A 163 -33.16 10.35 11.10
N GLN A 164 -33.39 9.17 10.60
CA GLN A 164 -33.72 8.03 11.43
C GLN A 164 -33.08 6.82 10.73
N VAL A 165 -32.61 5.84 11.50
CA VAL A 165 -32.00 4.64 10.93
C VAL A 165 -31.95 3.55 12.00
N ASP A 166 -32.18 2.32 11.58
CA ASP A 166 -32.14 1.14 12.48
C ASP A 166 -30.81 0.44 12.42
N VAL A 167 -30.33 0.01 13.57
CA VAL A 167 -29.03 -0.61 13.73
C VAL A 167 -29.17 -1.90 14.53
N PRO A 168 -29.00 -3.05 13.87
CA PRO A 168 -29.08 -4.35 14.55
C PRO A 168 -27.88 -4.56 15.46
N VAL A 169 -28.15 -5.08 16.65
CA VAL A 169 -27.12 -5.45 17.59
C VAL A 169 -27.10 -6.98 17.67
N SER A 170 -25.94 -7.53 17.33
CA SER A 170 -25.72 -8.96 17.35
C SER A 170 -25.81 -9.48 18.79
N GLU A 171 -26.33 -10.69 18.92
CA GLU A 171 -26.33 -11.40 20.20
C GLU A 171 -24.91 -11.57 20.74
N ASP A 172 -23.94 -11.55 19.85
CA ASP A 172 -22.54 -11.81 20.19
C ASP A 172 -21.64 -10.57 20.22
N LEU A 173 -22.26 -9.39 20.13
CA LEU A 173 -21.49 -8.16 19.98
C LEU A 173 -20.73 -7.78 21.25
N ALA A 174 -21.34 -8.02 22.41
CA ALA A 174 -20.70 -7.68 23.69
C ALA A 174 -19.36 -8.40 23.82
N ALA A 175 -19.33 -9.63 23.36
CA ALA A 175 -18.13 -10.46 23.41
C ALA A 175 -17.01 -9.91 22.52
N LEU A 176 -17.41 -9.32 21.38
CA LEU A 176 -16.46 -8.68 20.47
C LEU A 176 -16.01 -7.28 20.92
N TYR A 177 -16.99 -6.47 21.31
CA TYR A 177 -16.80 -5.08 21.71
C TYR A 177 -15.90 -4.98 22.94
N ARG A 178 -16.16 -5.85 23.92
CA ARG A 178 -15.37 -5.85 25.15
C ARG A 178 -13.87 -6.06 24.96
N LEU A 179 -13.48 -6.59 23.80
CA LEU A 179 -12.06 -6.77 23.50
C LEU A 179 -11.32 -5.42 23.33
N SER A 180 -12.08 -4.38 23.10
CA SER A 180 -11.53 -3.05 23.01
C SER A 180 -11.05 -2.50 24.36
N GLY A 181 -11.42 -3.15 25.45
CA GLY A 181 -10.91 -2.76 26.77
C GLY A 181 -11.83 -2.97 28.01
N ASP A 182 -13.12 -2.80 27.85
CA ASP A 182 -14.03 -2.95 28.99
C ASP A 182 -14.36 -4.41 29.25
N ARG A 183 -13.59 -5.03 30.16
CA ARG A 183 -13.77 -6.46 30.54
C ARG A 183 -14.81 -6.69 31.64
N ASN A 184 -15.54 -5.65 32.04
CA ASN A 184 -16.61 -5.81 33.02
C ASN A 184 -17.34 -7.12 32.76
N PRO A 185 -17.43 -8.01 33.73
CA PRO A 185 -18.23 -9.24 33.58
C PRO A 185 -19.72 -9.03 33.34
N LEU A 186 -20.17 -7.84 33.68
CA LEU A 186 -21.58 -7.48 33.58
C LEU A 186 -22.17 -7.76 32.19
N GLN A 187 -21.38 -7.47 31.16
CA GLN A 187 -21.85 -7.61 29.78
C GLN A 187 -21.58 -8.97 29.13
N ILE A 188 -21.04 -9.95 29.85
CA ILE A 188 -20.68 -11.27 29.24
C ILE A 188 -21.08 -12.53 30.03
N ASP A 189 -21.16 -12.38 31.34
CA ASP A 189 -21.33 -13.48 32.28
C ASP A 189 -22.71 -13.41 32.89
N PRO A 190 -23.60 -14.35 32.55
CA PRO A 190 -24.99 -14.27 33.01
C PRO A 190 -25.15 -14.24 34.52
N ASN A 191 -24.28 -14.95 35.22
CA ASN A 191 -24.38 -15.00 36.69
C ASN A 191 -24.02 -13.69 37.36
N PHE A 192 -23.18 -12.89 36.70
CA PHE A 192 -22.78 -11.57 37.24
C PHE A 192 -23.89 -10.57 36.98
N ALA A 193 -24.40 -10.61 35.77
CA ALA A 193 -25.49 -9.75 35.36
C ALA A 193 -26.73 -10.07 36.21
N LYS A 194 -26.88 -11.34 36.59
CA LYS A 194 -28.00 -11.71 37.48
C LYS A 194 -27.84 -11.10 38.89
N GLY A 195 -26.62 -11.05 39.39
CA GLY A 195 -26.32 -10.38 40.66
C GLY A 195 -26.56 -8.86 40.68
N ALA A 196 -26.54 -8.26 39.49
CA ALA A 196 -26.81 -6.83 39.33
C ALA A 196 -28.28 -6.49 38.97
N LYS A 197 -29.13 -7.52 38.99
CA LYS A 197 -30.60 -7.43 38.81
C LYS A 197 -31.11 -7.37 37.38
N PHE A 198 -30.33 -7.96 36.49
CA PHE A 198 -30.70 -8.10 35.09
C PHE A 198 -30.88 -9.58 34.83
N PRO A 199 -31.78 -9.95 33.92
CA PRO A 199 -32.11 -11.36 33.64
C PRO A 199 -31.11 -12.03 32.70
N LYS A 200 -30.24 -11.22 32.10
CA LYS A 200 -29.14 -11.73 31.29
C LYS A 200 -28.14 -10.57 31.09
N PRO A 201 -26.95 -10.84 30.56
CA PRO A 201 -25.96 -9.79 30.36
C PRO A 201 -26.45 -8.70 29.45
N ILE A 202 -26.09 -7.49 29.81
CA ILE A 202 -26.46 -6.31 29.03
C ILE A 202 -25.29 -5.83 28.15
N LEU A 203 -25.61 -4.82 27.35
CA LEU A 203 -24.73 -4.24 26.36
C LEU A 203 -24.03 -3.03 26.98
N HIS A 204 -22.72 -2.93 26.74
CA HIS A 204 -21.92 -1.80 27.21
C HIS A 204 -22.56 -0.52 26.74
N GLY A 205 -22.77 0.40 27.67
CA GLY A 205 -23.21 1.73 27.30
C GLY A 205 -22.39 2.34 26.18
N MET A 206 -21.07 2.24 26.26
CA MET A 206 -20.23 2.85 25.22
C MET A 206 -20.35 2.16 23.85
N CYS A 207 -20.79 0.89 23.84
CA CYS A 207 -21.16 0.21 22.58
C CYS A 207 -22.37 0.84 21.87
N THR A 208 -23.44 1.03 22.60
CA THR A 208 -24.65 1.69 22.08
C THR A 208 -24.30 3.06 21.50
N TYR A 209 -23.51 3.74 22.29
CA TYR A 209 -22.98 5.05 22.03
C TYR A 209 -22.18 5.15 20.72
N GLY A 210 -21.26 4.20 20.54
CA GLY A 210 -20.46 4.09 19.32
C GLY A 210 -21.29 3.67 18.11
N LEU A 211 -22.23 2.75 18.30
CA LEU A 211 -23.13 2.31 17.24
C LEU A 211 -23.93 3.51 16.75
N SER A 212 -24.40 4.32 17.69
CA SER A 212 -25.12 5.55 17.38
C SER A 212 -24.20 6.51 16.65
N ALA A 213 -22.98 6.61 17.16
CA ALA A 213 -22.00 7.54 16.64
C ALA A 213 -21.72 7.19 15.17
N LYS A 214 -21.56 5.91 14.93
CA LYS A 214 -21.23 5.43 13.60
C LYS A 214 -22.37 5.73 12.62
N ALA A 215 -23.58 5.44 13.04
CA ALA A 215 -24.77 5.71 12.22
C ALA A 215 -24.87 7.20 11.86
N LEU A 216 -24.61 8.04 12.85
CA LEU A 216 -24.68 9.48 12.63
C LEU A 216 -23.59 9.95 11.63
N ILE A 217 -22.38 9.40 11.75
CA ILE A 217 -21.28 9.76 10.86
C ILE A 217 -21.56 9.39 9.41
N ASP A 218 -22.18 8.21 9.18
CA ASP A 218 -22.51 7.75 7.81
C ASP A 218 -23.40 8.81 7.12
N LYS A 219 -24.32 9.37 7.91
CA LYS A 219 -25.27 10.40 7.45
C LYS A 219 -24.74 11.86 7.47
N PHE A 220 -24.20 12.32 8.59
CA PHE A 220 -23.84 13.74 8.75
C PHE A 220 -22.33 14.01 8.70
N GLY A 221 -21.56 12.94 8.72
CA GLY A 221 -20.12 13.03 8.70
C GLY A 221 -19.52 13.13 10.07
N MET A 222 -18.21 13.36 10.08
CA MET A 222 -17.40 13.30 11.32
C MET A 222 -17.73 14.39 12.34
N PHE A 223 -17.56 14.02 13.60
CA PHE A 223 -17.70 14.94 14.75
C PHE A 223 -16.47 14.92 15.69
N ASN A 224 -16.23 16.03 16.37
CA ASN A 224 -15.17 16.09 17.37
C ASN A 224 -15.68 16.22 18.80
N GLU A 225 -16.99 16.14 18.99
CA GLU A 225 -17.53 16.37 20.33
C GLU A 225 -18.84 15.65 20.49
N ILE A 226 -18.98 14.98 21.63
CA ILE A 226 -20.14 14.11 21.88
C ILE A 226 -20.49 14.05 23.37
N LYS A 227 -21.80 14.09 23.64
CA LYS A 227 -22.31 13.93 24.99
C LYS A 227 -23.60 13.14 24.94
N ALA A 228 -23.82 12.31 25.93
CA ALA A 228 -25.07 11.55 25.96
C ALA A 228 -25.37 11.00 27.32
N ARG A 229 -26.66 10.82 27.59
CA ARG A 229 -27.15 10.08 28.77
C ARG A 229 -27.66 8.70 28.42
N PHE A 230 -27.19 7.71 29.16
CA PHE A 230 -27.74 6.35 29.08
C PHE A 230 -28.96 6.24 29.99
N THR A 231 -30.14 6.30 29.36
CA THR A 231 -31.41 6.33 30.11
C THR A 231 -32.07 4.97 30.27
N GLY A 232 -31.64 4.00 29.47
CA GLY A 232 -32.23 2.67 29.51
C GLY A 232 -31.31 1.61 28.96
N ILE A 233 -31.47 0.40 29.47
CA ILE A 233 -30.57 -0.70 29.16
C ILE A 233 -30.83 -1.29 27.78
N VAL A 234 -29.78 -1.82 27.17
CA VAL A 234 -29.85 -2.55 25.90
C VAL A 234 -29.33 -3.97 26.07
N PHE A 235 -30.00 -4.93 25.46
CA PHE A 235 -29.49 -6.30 25.42
C PHE A 235 -28.89 -6.60 24.05
N PRO A 236 -27.80 -7.36 24.02
CA PRO A 236 -27.33 -7.99 22.78
C PRO A 236 -28.44 -8.75 22.11
N GLY A 237 -28.50 -8.66 20.78
CA GLY A 237 -29.60 -9.23 20.00
C GLY A 237 -30.75 -8.28 19.63
N GLU A 238 -30.84 -7.16 20.34
CA GLU A 238 -31.93 -6.19 20.11
C GLU A 238 -31.58 -5.27 18.93
N THR A 239 -32.57 -4.56 18.43
CA THR A 239 -32.37 -3.59 17.35
C THR A 239 -32.54 -2.19 17.89
N LEU A 240 -31.54 -1.35 17.61
CA LEU A 240 -31.57 0.05 18.00
C LEU A 240 -32.24 0.94 16.93
N ARG A 241 -32.84 2.04 17.37
CA ARG A 241 -33.29 3.08 16.44
C ARG A 241 -32.67 4.47 16.79
N VAL A 242 -31.83 4.97 15.90
CA VAL A 242 -31.15 6.25 16.07
C VAL A 242 -32.00 7.31 15.40
N LEU A 243 -32.45 8.26 16.19
CA LEU A 243 -33.24 9.42 15.74
C LEU A 243 -32.32 10.64 15.81
N ALA A 244 -32.30 11.44 14.75
CA ALA A 244 -31.43 12.61 14.61
C ALA A 244 -32.16 13.87 14.19
N TRP A 245 -31.88 14.94 14.92
CA TRP A 245 -32.36 16.28 14.59
C TRP A 245 -31.16 17.19 14.36
N LYS A 246 -31.16 17.85 13.23
CA LYS A 246 -30.09 18.75 12.89
C LYS A 246 -30.59 20.10 13.38
N GLU A 247 -29.98 20.61 14.43
CA GLU A 247 -30.46 21.84 15.08
C GLU A 247 -29.74 23.12 14.64
N SER A 248 -28.53 22.96 14.11
CA SER A 248 -27.79 24.06 13.48
C SER A 248 -26.87 23.45 12.41
N ASP A 249 -26.05 24.27 11.75
CA ASP A 249 -25.12 23.76 10.70
C ASP A 249 -24.06 22.83 11.31
N ASP A 250 -23.96 22.92 12.65
CA ASP A 250 -22.90 22.37 13.53
C ASP A 250 -23.32 21.18 14.39
N THR A 251 -24.58 21.21 14.84
CA THR A 251 -25.03 20.41 15.98
C THR A 251 -26.21 19.50 15.64
N ILE A 252 -25.99 18.20 15.83
CA ILE A 252 -27.00 17.17 15.64
C ILE A 252 -27.47 16.63 16.99
N VAL A 253 -28.71 16.90 17.34
CA VAL A 253 -29.27 16.29 18.54
C VAL A 253 -29.79 14.87 18.23
N PHE A 254 -29.60 13.94 19.14
CA PHE A 254 -30.09 12.56 18.90
C PHE A 254 -30.65 11.81 20.10
N GLN A 255 -31.29 10.71 19.75
CA GLN A 255 -31.83 9.74 20.70
C GLN A 255 -31.59 8.35 20.08
N THR A 256 -31.29 7.40 20.94
CA THR A 256 -31.28 6.01 20.53
C THR A 256 -32.33 5.19 21.27
N HIS A 257 -33.20 4.60 20.50
CA HIS A 257 -34.29 3.81 21.04
C HIS A 257 -34.06 2.31 20.82
N VAL A 258 -34.72 1.54 21.66
CA VAL A 258 -34.75 0.09 21.53
C VAL A 258 -36.11 -0.23 20.92
N VAL A 259 -36.06 -0.76 19.70
CA VAL A 259 -37.25 -1.03 18.89
C VAL A 259 -38.09 -2.12 19.56
N ASP A 260 -37.39 -3.10 20.12
CA ASP A 260 -37.96 -4.34 20.63
C ASP A 260 -38.84 -4.16 21.87
N ARG A 261 -38.42 -3.28 22.76
CA ARG A 261 -39.13 -3.01 24.00
C ARG A 261 -39.78 -1.63 24.02
N GLY A 262 -39.49 -0.83 23.00
CA GLY A 262 -40.04 0.51 22.89
C GLY A 262 -39.56 1.51 23.93
N THR A 263 -38.35 1.32 24.42
CA THR A 263 -37.74 2.24 25.38
C THR A 263 -36.71 3.18 24.73
N ILE A 264 -36.29 4.19 25.48
CA ILE A 264 -35.18 5.06 25.07
C ILE A 264 -33.88 4.63 25.76
N ALA A 265 -32.90 4.20 24.97
CA ALA A 265 -31.57 3.80 25.47
C ALA A 265 -30.67 5.00 25.66
N ILE A 266 -30.66 5.89 24.69
CA ILE A 266 -29.85 7.10 24.80
C ILE A 266 -30.73 8.32 24.62
N ASN A 267 -30.54 9.28 25.52
CA ASN A 267 -31.28 10.54 25.48
C ASN A 267 -30.36 11.71 25.83
N ASN A 268 -30.88 12.92 25.77
CA ASN A 268 -30.11 14.11 26.12
C ASN A 268 -28.76 14.11 25.47
N ALA A 269 -28.74 13.91 24.16
CA ALA A 269 -27.50 13.64 23.41
C ALA A 269 -27.34 14.47 22.16
N ALA A 270 -26.09 14.76 21.87
CA ALA A 270 -25.76 15.51 20.66
C ALA A 270 -24.33 15.24 20.21
N ILE A 271 -24.07 15.52 18.95
CA ILE A 271 -22.70 15.57 18.40
C ILE A 271 -22.46 16.93 17.79
N LYS A 272 -21.19 17.32 17.71
CA LYS A 272 -20.81 18.57 17.11
C LYS A 272 -19.90 18.19 15.96
N LEU A 273 -20.34 18.56 14.75
CA LEU A 273 -19.67 18.26 13.49
C LEU A 273 -18.38 19.03 13.35
N VAL A 274 -17.39 18.32 12.86
CA VAL A 274 -16.18 18.93 12.33
C VAL A 274 -16.64 19.62 11.07
N GLY A 275 -16.14 20.81 10.80
CA GLY A 275 -16.54 21.50 9.57
C GLY A 275 -15.63 21.25 8.38
N ASP A 276 -15.88 21.95 7.27
CA ASP A 276 -15.11 21.80 6.03
C ASP A 276 -14.40 23.06 5.58
N PRO B 5 12.20 -12.89 17.75
CA PRO B 5 11.12 -13.73 17.12
C PRO B 5 10.15 -14.26 18.15
N VAL B 6 9.80 -13.37 19.07
CA VAL B 6 8.97 -13.72 20.21
C VAL B 6 7.58 -13.14 20.01
N TRP B 7 6.61 -14.06 19.87
CA TRP B 7 5.18 -13.75 19.88
C TRP B 7 4.66 -13.63 21.31
N ARG B 8 4.25 -12.41 21.69
CA ARG B 8 3.56 -12.18 22.96
C ARG B 8 2.06 -12.18 22.73
N PHE B 9 1.34 -12.98 23.49
CA PHE B 9 -0.09 -13.08 23.27
C PHE B 9 -0.83 -13.27 24.59
N ASP B 10 -2.12 -13.00 24.57
CA ASP B 10 -2.93 -13.13 25.78
C ASP B 10 -4.41 -13.44 25.49
N ASP B 11 -5.26 -13.36 26.50
CA ASP B 11 -6.65 -13.83 26.37
C ASP B 11 -7.37 -13.09 25.26
N ARG B 12 -7.04 -11.82 25.11
CA ARG B 12 -7.58 -11.02 24.02
C ARG B 12 -7.32 -11.61 22.62
N ASP B 13 -6.09 -12.02 22.38
CA ASP B 13 -5.72 -12.64 21.11
C ASP B 13 -6.48 -13.92 20.89
N VAL B 14 -6.57 -14.70 21.98
CA VAL B 14 -7.33 -15.94 22.01
C VAL B 14 -8.79 -15.76 21.62
N ILE B 15 -9.49 -14.87 22.31
CA ILE B 15 -10.91 -14.64 22.07
C ILE B 15 -11.17 -14.04 20.67
N LEU B 16 -10.35 -13.07 20.28
CA LEU B 16 -10.41 -12.47 18.93
C LEU B 16 -10.33 -13.56 17.87
N TYR B 17 -9.45 -14.52 18.09
CA TYR B 17 -9.29 -15.64 17.16
C TYR B 17 -10.49 -16.62 17.19
N ASN B 18 -10.89 -17.00 18.39
CA ASN B 18 -12.03 -17.89 18.56
C ASN B 18 -13.32 -17.39 17.89
N ILE B 19 -13.60 -16.12 18.09
CA ILE B 19 -14.75 -15.45 17.45
C ILE B 19 -14.66 -15.49 15.91
N ALA B 20 -13.47 -15.28 15.35
CA ALA B 20 -13.33 -15.23 13.89
C ALA B 20 -13.66 -16.61 13.33
N LEU B 21 -13.28 -17.65 14.08
CA LEU B 21 -13.63 -19.04 13.74
C LEU B 21 -15.09 -19.47 14.05
N GLY B 22 -15.91 -18.55 14.54
CA GLY B 22 -17.34 -18.81 14.76
C GLY B 22 -17.81 -19.09 16.19
N ALA B 23 -16.91 -18.95 17.15
CA ALA B 23 -17.31 -19.09 18.57
C ALA B 23 -18.26 -17.97 19.01
N THR B 24 -19.32 -18.36 19.70
CA THR B 24 -20.35 -17.43 20.12
C THR B 24 -20.40 -17.34 21.62
N THR B 25 -21.30 -16.49 22.12
CA THR B 25 -21.52 -16.37 23.57
C THR B 25 -22.26 -17.58 24.15
N LYS B 26 -22.81 -18.43 23.29
CA LYS B 26 -23.35 -19.74 23.74
C LYS B 26 -22.19 -20.68 24.19
N GLN B 27 -20.98 -20.32 23.76
CA GLN B 27 -19.75 -21.03 24.17
C GLN B 27 -18.77 -20.11 24.92
N LEU B 28 -19.04 -19.90 26.22
CA LEU B 28 -18.23 -18.98 27.05
C LEU B 28 -16.81 -19.48 27.25
N LYS B 29 -16.65 -20.78 27.04
CA LYS B 29 -15.35 -21.42 27.07
C LYS B 29 -14.38 -20.81 26.04
N TYR B 30 -14.90 -20.32 24.93
CA TYR B 30 -14.07 -19.75 23.84
C TYR B 30 -13.95 -18.22 23.89
N VAL B 31 -14.93 -17.56 24.49
CA VAL B 31 -15.05 -16.09 24.40
C VAL B 31 -15.01 -15.28 25.73
N TYR B 32 -14.83 -15.96 26.85
CA TYR B 32 -14.76 -15.30 28.15
C TYR B 32 -13.56 -15.83 28.95
N GLU B 33 -12.57 -14.96 29.14
CA GLU B 33 -11.28 -15.25 29.80
C GLU B 33 -11.38 -15.79 31.24
N ASN B 34 -12.46 -15.47 31.96
CA ASN B 34 -12.68 -15.99 33.35
C ASN B 34 -13.61 -17.22 33.48
N ASP B 35 -14.09 -17.73 32.35
CA ASP B 35 -14.70 -19.06 32.29
C ASP B 35 -13.69 -20.10 32.80
N SER B 36 -14.17 -21.03 33.59
CA SER B 36 -13.30 -22.07 34.17
C SER B 36 -12.78 -23.06 33.13
N ASP B 37 -13.45 -23.14 31.99
CA ASP B 37 -12.97 -23.97 30.87
C ASP B 37 -12.36 -23.13 29.70
N PHE B 38 -11.93 -21.92 30.03
CA PHE B 38 -11.43 -21.01 29.03
C PHE B 38 -10.29 -21.66 28.25
N GLN B 39 -10.35 -21.54 26.94
CA GLN B 39 -9.49 -22.31 26.07
C GLN B 39 -9.49 -21.74 24.69
N VAL B 40 -8.46 -22.08 23.94
CA VAL B 40 -8.28 -21.60 22.58
C VAL B 40 -8.38 -22.75 21.60
N ILE B 41 -8.95 -22.45 20.44
CA ILE B 41 -9.00 -23.42 19.37
C ILE B 41 -7.57 -23.61 18.87
N PRO B 42 -7.08 -24.86 18.85
CA PRO B 42 -5.63 -25.13 18.76
C PRO B 42 -4.95 -24.71 17.46
N THR B 43 -5.71 -24.50 16.39
CA THR B 43 -5.15 -23.94 15.15
C THR B 43 -4.45 -22.60 15.35
N PHE B 44 -4.76 -21.96 16.49
CA PHE B 44 -4.10 -20.74 17.01
C PHE B 44 -2.61 -20.82 16.88
N GLY B 45 -2.07 -22.04 17.03
CA GLY B 45 -0.64 -22.28 16.99
C GLY B 45 0.05 -22.00 15.66
N HIS B 46 -0.71 -21.95 14.57
CA HIS B 46 -0.11 -21.61 13.28
C HIS B 46 0.35 -20.15 13.24
N LEU B 47 -0.20 -19.34 14.12
CA LEU B 47 -0.03 -17.88 14.07
C LEU B 47 1.42 -17.40 14.27
N ILE B 48 2.28 -18.27 14.81
CA ILE B 48 3.73 -18.05 14.77
C ILE B 48 4.21 -17.68 13.34
N THR B 49 3.48 -18.15 12.34
CA THR B 49 3.74 -17.85 10.93
C THR B 49 3.72 -16.35 10.60
N PHE B 50 2.96 -15.57 11.39
CA PHE B 50 2.76 -14.11 11.19
C PHE B 50 3.21 -13.20 12.32
N ASN B 51 3.48 -13.77 13.48
CA ASN B 51 3.71 -12.97 14.70
C ASN B 51 5.09 -13.21 15.27
N SER B 52 5.99 -13.67 14.43
CA SER B 52 7.38 -14.00 14.84
C SER B 52 8.45 -13.08 14.25
N GLY B 53 8.02 -11.99 13.63
CA GLY B 53 8.95 -11.02 13.05
C GLY B 53 9.54 -11.41 11.68
N LYS B 54 10.60 -10.71 11.29
CA LYS B 54 11.13 -10.74 9.93
C LYS B 54 11.68 -12.12 9.54
N SER B 55 12.15 -12.88 10.53
CA SER B 55 12.68 -14.21 10.30
C SER B 55 11.63 -15.16 9.68
N GLN B 56 10.36 -14.87 9.90
CA GLN B 56 9.26 -15.70 9.36
C GLN B 56 9.17 -15.68 7.82
N ASN B 57 9.81 -14.70 7.19
CA ASN B 57 9.89 -14.58 5.73
C ASN B 57 11.07 -15.29 5.11
N SER B 58 11.80 -16.05 5.91
CA SER B 58 13.08 -16.65 5.51
C SER B 58 12.98 -17.64 4.33
N PHE B 59 11.82 -18.27 4.17
CA PHE B 59 11.55 -19.15 3.03
C PHE B 59 11.81 -18.49 1.65
N ALA B 60 11.66 -17.18 1.57
CA ALA B 60 11.77 -16.44 0.29
C ALA B 60 13.20 -16.33 -0.21
N LYS B 61 14.15 -16.57 0.69
CA LYS B 61 15.57 -16.57 0.36
C LYS B 61 15.94 -17.68 -0.65
N LEU B 62 15.11 -18.72 -0.71
CA LEU B 62 15.31 -19.84 -1.64
C LEU B 62 14.62 -19.64 -2.99
N LEU B 63 13.85 -18.55 -3.08
CA LEU B 63 12.99 -18.32 -4.25
C LEU B 63 13.57 -17.35 -5.24
N ARG B 64 13.24 -17.60 -6.49
CA ARG B 64 13.60 -16.72 -7.60
C ARG B 64 12.33 -16.15 -8.26
N ASN B 65 12.37 -14.87 -8.66
CA ASN B 65 11.23 -14.18 -9.31
C ASN B 65 10.00 -14.08 -8.38
N PHE B 66 10.25 -14.05 -7.09
CA PHE B 66 9.22 -14.06 -6.11
C PHE B 66 8.44 -12.76 -6.07
N ASN B 67 7.14 -12.89 -6.21
CA ASN B 67 6.18 -11.82 -5.99
C ASN B 67 5.19 -12.32 -4.93
N PRO B 68 5.17 -11.74 -3.73
CA PRO B 68 4.27 -12.18 -2.64
C PRO B 68 2.79 -12.18 -3.01
N MET B 69 2.45 -11.28 -3.93
CA MET B 69 1.08 -11.17 -4.46
C MET B 69 0.58 -12.47 -5.10
N LEU B 70 1.52 -13.23 -5.70
CA LEU B 70 1.22 -14.48 -6.45
C LEU B 70 1.34 -15.75 -5.58
N LEU B 71 1.55 -15.53 -4.29
CA LEU B 71 1.63 -16.60 -3.31
C LEU B 71 0.23 -17.06 -2.86
N LEU B 72 0.08 -18.36 -2.69
CA LEU B 72 -1.13 -18.93 -2.11
C LEU B 72 -0.76 -19.91 -1.04
N HIS B 73 -1.55 -19.97 0.02
CA HIS B 73 -1.37 -21.02 1.02
C HIS B 73 -1.79 -22.36 0.40
N GLY B 74 -0.85 -23.31 0.33
CA GLY B 74 -1.06 -24.57 -0.38
C GLY B 74 -1.44 -25.75 0.50
N GLU B 75 -0.66 -25.96 1.55
CA GLU B 75 -0.97 -26.94 2.59
C GLU B 75 -0.54 -26.41 3.93
N HIS B 76 -1.07 -27.00 4.99
CA HIS B 76 -0.62 -26.71 6.34
C HIS B 76 -0.74 -27.87 7.33
N TYR B 77 0.32 -28.04 8.09
CA TYR B 77 0.41 -29.05 9.12
C TYR B 77 0.74 -28.40 10.44
N LEU B 78 0.01 -28.75 11.48
CA LEU B 78 0.24 -28.22 12.81
C LEU B 78 0.17 -29.36 13.81
N LYS B 79 1.18 -29.45 14.68
CA LYS B 79 1.10 -30.28 15.87
C LYS B 79 1.19 -29.47 17.16
N VAL B 80 0.33 -29.83 18.11
CA VAL B 80 0.38 -29.29 19.46
C VAL B 80 0.99 -30.35 20.38
N HIS B 81 2.15 -30.03 20.95
CA HIS B 81 2.95 -30.96 21.76
C HIS B 81 2.67 -30.84 23.25
N SER B 82 2.14 -29.69 23.63
CA SER B 82 1.90 -29.34 25.02
C SER B 82 0.44 -28.99 25.23
N TRP B 83 -0.25 -29.82 26.01
CA TRP B 83 -1.70 -29.80 26.09
C TRP B 83 -2.16 -29.38 27.49
N PRO B 84 -3.10 -28.44 27.59
CA PRO B 84 -3.71 -27.73 26.44
C PRO B 84 -2.85 -26.59 25.99
N PRO B 85 -3.09 -26.06 24.79
CA PRO B 85 -2.35 -24.88 24.32
C PRO B 85 -2.56 -23.68 25.24
N PRO B 86 -1.51 -22.93 25.51
CA PRO B 86 -1.61 -21.80 26.43
C PRO B 86 -2.45 -20.68 25.85
N THR B 87 -3.25 -20.05 26.70
CA THR B 87 -4.09 -18.89 26.30
C THR B 87 -3.41 -17.54 26.61
N GLU B 88 -2.23 -17.60 27.22
CA GLU B 88 -1.35 -16.45 27.35
C GLU B 88 0.11 -16.86 27.49
N GLY B 89 0.99 -15.95 27.12
CA GLY B 89 2.42 -16.17 27.26
C GLY B 89 3.27 -15.66 26.12
N GLU B 90 4.48 -16.20 26.03
CA GLU B 90 5.46 -15.76 25.05
C GLU B 90 6.06 -16.98 24.36
N ILE B 91 6.06 -16.95 23.04
CA ILE B 91 6.59 -18.03 22.26
C ILE B 91 7.65 -17.57 21.26
N LYS B 92 8.79 -18.24 21.33
CA LYS B 92 9.94 -18.06 20.44
C LYS B 92 9.89 -19.14 19.35
N THR B 93 10.03 -18.71 18.11
CA THR B 93 9.95 -19.58 16.96
C THR B 93 11.21 -19.53 16.12
N THR B 94 11.60 -20.73 15.64
CA THR B 94 12.68 -20.86 14.66
C THR B 94 12.21 -21.64 13.39
N PHE B 95 12.73 -21.24 12.22
CA PHE B 95 12.25 -21.71 10.91
C PHE B 95 13.37 -22.41 10.15
N GLU B 96 12.99 -23.36 9.31
CA GLU B 96 13.92 -24.02 8.39
C GLU B 96 13.20 -24.35 7.11
N PRO B 97 13.91 -24.38 6.02
CA PRO B 97 13.31 -24.78 4.77
C PRO B 97 13.21 -26.32 4.82
N ILE B 98 12.14 -26.85 4.25
CA ILE B 98 11.96 -28.30 4.25
C ILE B 98 12.18 -28.84 2.84
N ALA B 99 11.59 -28.16 1.87
CA ALA B 99 11.71 -28.58 0.47
C ALA B 99 11.33 -27.47 -0.50
N THR B 100 11.98 -27.46 -1.65
CA THR B 100 11.50 -26.69 -2.80
C THR B 100 11.34 -27.58 -4.04
N THR B 101 10.19 -27.44 -4.68
CA THR B 101 9.86 -28.22 -5.84
C THR B 101 9.18 -27.37 -6.92
N PRO B 102 9.83 -27.22 -8.03
CA PRO B 102 9.18 -26.58 -9.16
C PRO B 102 8.11 -27.50 -9.77
N LYS B 103 6.96 -26.86 -9.98
CA LYS B 103 5.82 -27.36 -10.73
C LYS B 103 5.47 -26.43 -11.89
N GLY B 104 6.00 -26.77 -13.06
CA GLY B 104 5.97 -25.88 -14.23
C GLY B 104 6.52 -24.47 -13.90
N THR B 105 5.69 -23.46 -14.14
CA THR B 105 6.04 -22.05 -13.88
C THR B 105 5.81 -21.66 -12.40
N ASN B 106 5.33 -22.63 -11.65
CA ASN B 106 5.14 -22.48 -10.21
C ASN B 106 6.24 -23.12 -9.39
N VAL B 107 6.23 -22.75 -8.12
CA VAL B 107 7.07 -23.36 -7.11
C VAL B 107 6.21 -23.73 -5.90
N VAL B 108 6.45 -24.94 -5.43
CA VAL B 108 5.96 -25.45 -4.17
C VAL B 108 7.13 -25.53 -3.17
N ILE B 109 6.98 -24.77 -2.08
CA ILE B 109 7.98 -24.67 -1.03
C ILE B 109 7.39 -25.01 0.34
N VAL B 110 8.13 -25.83 1.09
CA VAL B 110 7.70 -26.26 2.41
C VAL B 110 8.64 -25.63 3.46
N HIS B 111 8.02 -24.94 4.41
CA HIS B 111 8.71 -24.13 5.41
C HIS B 111 8.42 -24.66 6.79
N GLY B 112 9.46 -25.18 7.45
CA GLY B 112 9.36 -25.84 8.73
C GLY B 112 9.61 -24.92 9.90
N SER B 113 8.99 -25.23 11.02
CA SER B 113 9.15 -24.40 12.22
C SER B 113 8.85 -25.09 13.55
N LYS B 114 9.56 -24.65 14.58
CA LYS B 114 9.38 -25.12 15.97
C LYS B 114 9.20 -23.90 16.86
N SER B 115 8.18 -23.95 17.69
CA SER B 115 7.76 -22.82 18.54
C SER B 115 7.80 -23.28 20.02
N VAL B 116 8.68 -22.66 20.79
CA VAL B 116 8.86 -23.06 22.17
C VAL B 116 8.35 -21.94 23.07
N ASP B 117 8.13 -22.27 24.32
CA ASP B 117 7.83 -21.26 25.33
C ASP B 117 9.13 -20.53 25.66
N ASN B 118 9.09 -19.21 25.56
CA ASN B 118 10.28 -18.34 25.65
C ASN B 118 10.93 -18.31 27.04
N LYS B 119 10.09 -18.43 28.08
CA LYS B 119 10.56 -18.56 29.47
C LYS B 119 11.14 -19.94 29.81
N SER B 120 10.56 -21.02 29.29
CA SER B 120 10.81 -22.41 29.78
C SER B 120 11.61 -23.34 28.84
N GLY B 121 11.52 -23.07 27.53
CA GLY B 121 12.18 -23.89 26.51
C GLY B 121 11.29 -25.00 25.94
N GLU B 122 10.11 -25.14 26.56
CA GLU B 122 9.14 -26.20 26.24
C GLU B 122 8.52 -26.06 24.85
N LEU B 123 8.60 -27.15 24.10
CA LEU B 123 8.04 -27.24 22.76
C LEU B 123 6.52 -27.16 22.89
N ILE B 124 5.95 -26.13 22.31
CA ILE B 124 4.50 -25.93 22.33
C ILE B 124 3.84 -26.37 21.04
N TYR B 125 4.37 -25.85 19.95
CA TYR B 125 3.84 -26.09 18.61
C TYR B 125 4.97 -26.44 17.64
N SER B 126 4.60 -27.18 16.62
CA SER B 126 5.38 -27.35 15.41
C SER B 126 4.51 -27.03 14.20
N ASN B 127 5.09 -26.35 13.22
CA ASN B 127 4.42 -26.06 11.95
C ASN B 127 5.24 -26.46 10.71
N GLU B 128 4.49 -26.79 9.66
CA GLU B 128 5.01 -26.99 8.32
C GLU B 128 4.03 -26.33 7.38
N ALA B 129 4.49 -25.26 6.75
CA ALA B 129 3.65 -24.46 5.87
C ALA B 129 4.12 -24.76 4.47
N THR B 130 3.18 -25.05 3.60
CA THR B 130 3.49 -25.32 2.20
C THR B 130 2.87 -24.18 1.42
N TYR B 131 3.69 -23.41 0.70
CA TYR B 131 3.19 -22.39 -0.20
C TYR B 131 3.37 -22.79 -1.67
N PHE B 132 2.34 -22.48 -2.43
CA PHE B 132 2.24 -22.64 -3.88
C PHE B 132 2.31 -21.24 -4.49
N ILE B 133 3.40 -21.00 -5.18
CA ILE B 133 3.73 -19.67 -5.68
C ILE B 133 3.76 -19.62 -7.19
N ARG B 134 2.89 -18.80 -7.75
CA ARG B 134 2.83 -18.64 -9.20
C ARG B 134 4.02 -17.83 -9.72
N ASN B 135 4.37 -18.07 -10.97
CA ASN B 135 5.43 -17.32 -11.66
C ASN B 135 6.72 -17.21 -10.82
N CYS B 136 7.14 -18.35 -10.28
CA CYS B 136 8.29 -18.43 -9.36
C CYS B 136 9.21 -19.57 -9.80
N GLN B 137 10.49 -19.44 -9.50
CA GLN B 137 11.47 -20.48 -9.76
C GLN B 137 12.26 -20.78 -8.50
N ALA B 138 12.84 -21.96 -8.50
CA ALA B 138 13.59 -22.46 -7.36
C ALA B 138 14.34 -23.68 -7.81
N ASP B 139 15.36 -24.05 -7.04
CA ASP B 139 15.99 -25.36 -7.20
C ASP B 139 15.03 -26.47 -6.75
N ASN B 140 15.35 -27.66 -7.26
CA ASN B 140 14.70 -28.89 -6.85
C ASN B 140 15.47 -29.51 -5.68
N LYS B 141 15.03 -29.24 -4.47
CA LYS B 141 15.82 -29.71 -3.31
C LYS B 141 14.97 -30.24 -2.18
N VAL B 142 15.52 -31.21 -1.48
CA VAL B 142 14.96 -31.65 -0.20
C VAL B 142 15.93 -31.35 0.93
N TYR B 143 15.48 -30.56 1.91
CA TYR B 143 16.35 -30.19 3.03
C TYR B 143 16.13 -30.98 4.31
N ALA B 144 14.90 -31.46 4.53
CA ALA B 144 14.58 -32.13 5.80
C ALA B 144 13.54 -33.23 5.68
N ASP B 145 13.68 -34.21 6.55
CA ASP B 145 12.64 -35.23 6.82
C ASP B 145 11.38 -34.60 7.40
N ARG B 146 10.26 -35.28 7.18
CA ARG B 146 8.96 -34.81 7.61
C ARG B 146 8.13 -35.88 8.29
N PRO B 147 7.34 -35.52 9.29
CA PRO B 147 6.42 -36.49 9.88
C PRO B 147 5.43 -37.08 8.83
N ALA B 148 5.17 -38.37 9.00
CA ALA B 148 4.19 -39.09 8.17
C ALA B 148 2.86 -38.29 8.04
N PHE B 149 2.38 -37.76 9.17
CA PHE B 149 1.07 -37.09 9.25
C PHE B 149 0.98 -35.85 8.34
N ALA B 150 2.11 -35.17 8.22
CA ALA B 150 2.27 -33.98 7.39
C ALA B 150 2.24 -34.32 5.93
N THR B 151 2.75 -35.49 5.56
CA THR B 151 2.79 -35.91 4.16
C THR B 151 1.68 -36.92 3.79
N ASN B 152 0.82 -37.28 4.73
CA ASN B 152 -0.23 -38.26 4.46
C ASN B 152 -1.25 -37.69 3.44
N GLN B 153 -1.78 -38.57 2.60
CA GLN B 153 -2.82 -38.23 1.62
C GLN B 153 -4.18 -38.06 2.26
N PHE B 154 -4.45 -38.87 3.28
CA PHE B 154 -5.75 -38.85 3.96
C PHE B 154 -6.92 -38.84 2.91
N LEU B 155 -6.89 -39.82 2.02
CA LEU B 155 -7.93 -39.99 1.01
C LEU B 155 -9.29 -40.08 1.72
N ALA B 156 -10.23 -39.26 1.27
CA ALA B 156 -11.60 -39.35 1.77
C ALA B 156 -12.14 -40.70 1.38
N PRO B 157 -12.65 -41.45 2.35
CA PRO B 157 -13.19 -42.77 2.04
C PRO B 157 -14.43 -42.64 1.16
N LYS B 158 -14.62 -43.70 0.40
CA LYS B 158 -15.61 -43.77 -0.67
C LYS B 158 -17.05 -43.70 -0.11
N ARG B 159 -17.24 -44.26 1.08
CA ARG B 159 -18.55 -44.27 1.72
C ARG B 159 -19.05 -42.86 2.03
N ALA B 160 -20.32 -42.79 2.39
CA ALA B 160 -20.98 -41.56 2.78
C ALA B 160 -20.39 -41.00 4.04
N PRO B 161 -20.38 -39.69 4.17
CA PRO B 161 -19.85 -39.08 5.38
C PRO B 161 -20.59 -39.51 6.65
N ASP B 162 -19.82 -39.64 7.73
CA ASP B 162 -20.36 -39.90 9.07
C ASP B 162 -20.96 -38.66 9.65
N TYR B 163 -20.43 -37.53 9.23
CA TYR B 163 -20.91 -36.24 9.71
C TYR B 163 -20.76 -35.18 8.63
N GLN B 164 -21.65 -34.22 8.71
CA GLN B 164 -21.79 -33.19 7.70
C GLN B 164 -22.34 -31.91 8.33
N VAL B 165 -21.68 -30.79 8.09
CA VAL B 165 -22.16 -29.54 8.62
C VAL B 165 -21.83 -28.34 7.71
N ASP B 166 -22.81 -27.47 7.55
CA ASP B 166 -22.64 -26.19 6.87
C ASP B 166 -22.14 -25.04 7.77
N VAL B 167 -21.15 -24.32 7.26
CA VAL B 167 -20.56 -23.19 7.97
C VAL B 167 -20.56 -21.94 7.09
N PRO B 168 -21.47 -21.02 7.38
CA PRO B 168 -21.55 -19.80 6.58
C PRO B 168 -20.41 -18.89 6.92
N VAL B 169 -19.85 -18.30 5.88
CA VAL B 169 -18.73 -17.38 5.99
C VAL B 169 -19.20 -15.96 5.75
N SER B 170 -19.26 -15.15 6.81
CA SER B 170 -19.67 -13.75 6.66
C SER B 170 -18.83 -13.02 5.57
N GLU B 171 -19.50 -12.16 4.80
CA GLU B 171 -18.83 -11.39 3.75
C GLU B 171 -17.72 -10.46 4.31
N ASP B 172 -17.85 -10.12 5.59
CA ASP B 172 -16.87 -9.30 6.31
C ASP B 172 -15.83 -10.05 7.13
N LEU B 173 -15.86 -11.37 7.04
CA LEU B 173 -15.02 -12.21 7.90
C LEU B 173 -13.49 -11.96 7.74
N ALA B 174 -13.04 -11.70 6.52
CA ALA B 174 -11.61 -11.48 6.26
C ALA B 174 -11.05 -10.32 7.13
N ALA B 175 -11.85 -9.29 7.27
CA ALA B 175 -11.47 -8.06 7.99
C ALA B 175 -11.24 -8.27 9.47
N LEU B 176 -11.97 -9.22 10.02
CA LEU B 176 -11.82 -9.60 11.43
C LEU B 176 -10.70 -10.62 11.61
N TYR B 177 -10.77 -11.69 10.83
CA TYR B 177 -9.80 -12.76 10.90
C TYR B 177 -8.35 -12.24 10.83
N ARG B 178 -8.09 -11.34 9.91
CA ARG B 178 -6.70 -10.88 9.66
C ARG B 178 -6.10 -10.11 10.84
N LEU B 179 -6.93 -9.64 11.73
CA LEU B 179 -6.44 -9.04 12.97
C LEU B 179 -5.69 -10.07 13.85
N SER B 180 -5.90 -11.35 13.62
CA SER B 180 -5.14 -12.35 14.38
C SER B 180 -3.65 -12.40 13.96
N GLY B 181 -3.32 -11.75 12.83
CA GLY B 181 -1.93 -11.61 12.42
C GLY B 181 -1.64 -11.51 10.92
N ASP B 182 -2.39 -12.26 10.11
CA ASP B 182 -2.13 -12.28 8.67
C ASP B 182 -2.70 -11.04 7.97
N ARG B 183 -1.81 -10.06 7.73
CA ARG B 183 -2.16 -8.74 7.16
C ARG B 183 -2.14 -8.66 5.62
N ASN B 184 -1.82 -9.78 4.98
CA ASN B 184 -1.79 -9.89 3.50
C ASN B 184 -2.95 -9.11 2.87
N PRO B 185 -2.67 -8.15 1.97
CA PRO B 185 -3.73 -7.45 1.25
C PRO B 185 -4.55 -8.34 0.31
N LEU B 186 -4.08 -9.53 -0.02
CA LEU B 186 -4.80 -10.44 -0.89
C LEU B 186 -6.26 -10.63 -0.45
N GLN B 187 -6.45 -10.66 0.86
CA GLN B 187 -7.74 -11.01 1.48
C GLN B 187 -8.64 -9.80 1.82
N ILE B 188 -8.14 -8.59 1.60
CA ILE B 188 -8.87 -7.36 1.99
C ILE B 188 -8.95 -6.29 0.88
N ASP B 189 -7.90 -6.15 0.08
CA ASP B 189 -7.81 -5.09 -0.90
C ASP B 189 -8.18 -5.57 -2.30
N PRO B 190 -9.34 -5.18 -2.82
CA PRO B 190 -9.84 -5.73 -4.11
C PRO B 190 -8.86 -5.47 -5.24
N ASN B 191 -8.15 -4.39 -5.09
CA ASN B 191 -7.21 -4.02 -6.11
C ASN B 191 -5.98 -4.94 -6.21
N PHE B 192 -5.60 -5.50 -5.08
CA PHE B 192 -4.43 -6.34 -4.94
C PHE B 192 -4.78 -7.75 -5.37
N ALA B 193 -5.98 -8.13 -4.97
CA ALA B 193 -6.55 -9.41 -5.38
C ALA B 193 -6.72 -9.47 -6.91
N LYS B 194 -7.11 -8.35 -7.50
CA LYS B 194 -7.17 -8.23 -8.94
C LYS B 194 -5.80 -8.48 -9.58
N GLY B 195 -4.74 -7.98 -8.95
CA GLY B 195 -3.40 -8.20 -9.47
C GLY B 195 -3.05 -9.69 -9.48
N ALA B 196 -3.65 -10.40 -8.53
CA ALA B 196 -3.52 -11.86 -8.36
C ALA B 196 -4.49 -12.69 -9.18
N LYS B 197 -5.28 -12.05 -10.05
CA LYS B 197 -6.21 -12.73 -11.00
C LYS B 197 -7.45 -13.31 -10.28
N PHE B 198 -7.83 -12.69 -9.17
CA PHE B 198 -9.06 -13.07 -8.47
C PHE B 198 -10.06 -11.95 -8.59
N PRO B 199 -11.32 -12.30 -8.89
CA PRO B 199 -12.37 -11.30 -9.16
C PRO B 199 -12.85 -10.53 -7.94
N LYS B 200 -12.48 -11.03 -6.76
CA LYS B 200 -12.71 -10.33 -5.49
C LYS B 200 -11.76 -10.95 -4.47
N PRO B 201 -11.49 -10.25 -3.36
CA PRO B 201 -10.57 -10.78 -2.34
C PRO B 201 -10.98 -12.15 -1.85
N ILE B 202 -10.01 -13.02 -1.72
CA ILE B 202 -10.29 -14.38 -1.25
C ILE B 202 -10.21 -14.48 0.26
N LEU B 203 -10.73 -15.56 0.80
CA LEU B 203 -10.60 -15.86 2.23
C LEU B 203 -9.23 -16.52 2.50
N HIS B 204 -8.65 -16.14 3.62
CA HIS B 204 -7.45 -16.80 4.18
C HIS B 204 -7.59 -18.34 4.28
N GLY B 205 -6.62 -19.03 3.72
CA GLY B 205 -6.57 -20.48 3.84
C GLY B 205 -6.67 -20.92 5.28
N MET B 206 -5.96 -20.24 6.17
CA MET B 206 -5.98 -20.58 7.60
C MET B 206 -7.30 -20.27 8.29
N CYS B 207 -8.13 -19.46 7.65
CA CYS B 207 -9.43 -19.18 8.23
C CYS B 207 -10.40 -20.35 7.94
N THR B 208 -10.40 -20.80 6.69
CA THR B 208 -11.17 -21.98 6.22
C THR B 208 -10.92 -23.23 7.06
N TYR B 209 -9.66 -23.30 7.39
CA TYR B 209 -9.02 -24.33 8.16
C TYR B 209 -9.42 -24.33 9.62
N GLY B 210 -9.43 -23.12 10.17
CA GLY B 210 -9.86 -22.86 11.53
C GLY B 210 -11.37 -23.01 11.66
N LEU B 211 -12.10 -22.56 10.65
CA LEU B 211 -13.57 -22.71 10.61
C LEU B 211 -13.92 -24.21 10.60
N SER B 212 -13.27 -24.91 9.69
CA SER B 212 -13.39 -26.35 9.57
C SER B 212 -13.01 -27.05 10.88
N ALA B 213 -11.86 -26.65 11.44
CA ALA B 213 -11.38 -27.21 12.72
C ALA B 213 -12.39 -26.98 13.85
N LYS B 214 -12.91 -25.77 13.90
CA LYS B 214 -13.92 -25.41 14.91
C LYS B 214 -15.13 -26.33 14.84
N ALA B 215 -15.65 -26.48 13.63
CA ALA B 215 -16.82 -27.33 13.38
C ALA B 215 -16.53 -28.80 13.74
N LEU B 216 -15.29 -29.22 13.51
CA LEU B 216 -14.87 -30.59 13.81
C LEU B 216 -14.81 -30.80 15.32
N ILE B 217 -14.28 -29.81 16.02
CA ILE B 217 -14.24 -29.86 17.47
C ILE B 217 -15.64 -29.94 18.15
N ASP B 218 -16.62 -29.23 17.58
CA ASP B 218 -17.97 -29.18 18.16
C ASP B 218 -18.64 -30.56 18.09
N LYS B 219 -18.17 -31.39 17.15
CA LYS B 219 -18.73 -32.73 16.91
C LYS B 219 -17.85 -33.86 17.49
N PHE B 220 -16.55 -33.76 17.27
CA PHE B 220 -15.59 -34.83 17.57
C PHE B 220 -14.68 -34.58 18.81
N GLY B 221 -14.69 -33.37 19.31
CA GLY B 221 -13.82 -32.95 20.41
C GLY B 221 -12.49 -32.36 19.99
N MET B 222 -11.65 -32.13 20.98
CA MET B 222 -10.39 -31.44 20.75
C MET B 222 -9.36 -32.32 20.02
N PHE B 223 -8.52 -31.69 19.20
CA PHE B 223 -7.44 -32.40 18.45
C PHE B 223 -6.06 -31.75 18.71
N ASN B 224 -4.98 -32.53 18.65
CA ASN B 224 -3.62 -31.97 18.83
C ASN B 224 -2.74 -32.06 17.59
N GLU B 225 -3.33 -32.48 16.49
CA GLU B 225 -2.60 -32.62 15.23
C GLU B 225 -3.58 -32.49 14.07
N ILE B 226 -3.17 -31.73 13.07
CA ILE B 226 -3.99 -31.43 11.92
C ILE B 226 -3.16 -31.16 10.66
N LYS B 227 -3.66 -31.66 9.54
CA LYS B 227 -3.04 -31.49 8.22
C LYS B 227 -4.12 -31.33 7.17
N ALA B 228 -3.88 -30.46 6.19
CA ALA B 228 -4.88 -30.24 5.14
C ALA B 228 -4.27 -29.67 3.89
N ARG B 229 -4.87 -30.03 2.75
CA ARG B 229 -4.50 -29.40 1.50
C ARG B 229 -5.58 -28.38 1.07
N PHE B 230 -5.09 -27.22 0.66
CA PHE B 230 -5.95 -26.17 0.14
C PHE B 230 -6.06 -26.33 -1.37
N THR B 231 -7.21 -26.83 -1.84
CA THR B 231 -7.36 -27.24 -3.24
C THR B 231 -8.24 -26.32 -4.06
N GLY B 232 -8.94 -25.44 -3.36
CA GLY B 232 -9.82 -24.47 -4.01
C GLY B 232 -10.00 -23.22 -3.17
N ILE B 233 -10.09 -22.08 -3.85
CA ILE B 233 -10.26 -20.79 -3.20
C ILE B 233 -11.64 -20.67 -2.59
N VAL B 234 -11.77 -19.77 -1.66
CA VAL B 234 -13.04 -19.50 -1.03
C VAL B 234 -13.18 -18.00 -1.03
N PHE B 235 -14.39 -17.53 -1.24
CA PHE B 235 -14.67 -16.11 -1.17
C PHE B 235 -15.51 -15.79 0.06
N PRO B 236 -15.20 -14.70 0.76
CA PRO B 236 -16.02 -14.32 1.90
C PRO B 236 -17.43 -14.13 1.43
N GLY B 237 -18.36 -14.61 2.25
CA GLY B 237 -19.79 -14.59 1.96
C GLY B 237 -20.32 -15.95 1.50
N GLU B 238 -19.41 -16.87 1.17
CA GLU B 238 -19.79 -18.21 0.75
C GLU B 238 -20.07 -19.12 1.97
N THR B 239 -20.72 -20.24 1.69
CA THR B 239 -21.10 -21.23 2.70
C THR B 239 -20.17 -22.44 2.55
N LEU B 240 -19.44 -22.76 3.60
CA LEU B 240 -18.61 -23.94 3.60
C LEU B 240 -19.46 -25.15 3.99
N ARG B 241 -19.06 -26.32 3.49
CA ARG B 241 -19.65 -27.57 3.90
C ARG B 241 -18.54 -28.54 4.30
N VAL B 242 -18.51 -28.85 5.59
CA VAL B 242 -17.54 -29.78 6.15
C VAL B 242 -18.06 -31.19 6.13
N LEU B 243 -17.25 -32.07 5.59
CA LEU B 243 -17.56 -33.49 5.43
C LEU B 243 -16.55 -34.25 6.25
N ALA B 244 -17.02 -35.19 7.05
CA ALA B 244 -16.14 -35.91 7.98
C ALA B 244 -16.40 -37.39 8.10
N TRP B 245 -15.30 -38.13 8.24
CA TRP B 245 -15.29 -39.57 8.39
C TRP B 245 -14.40 -39.99 9.57
N LYS B 246 -14.99 -40.74 10.50
CA LYS B 246 -14.26 -41.34 11.61
C LYS B 246 -13.57 -42.58 11.09
N GLU B 247 -12.24 -42.52 11.03
CA GLU B 247 -11.41 -43.57 10.42
C GLU B 247 -10.67 -44.47 11.42
N SER B 248 -10.58 -44.03 12.67
CA SER B 248 -10.06 -44.85 13.78
C SER B 248 -10.52 -44.17 15.10
N ASP B 249 -10.05 -44.68 16.25
CA ASP B 249 -10.27 -44.01 17.55
C ASP B 249 -9.52 -42.66 17.67
N ASP B 250 -8.47 -42.52 16.86
CA ASP B 250 -7.57 -41.39 16.91
C ASP B 250 -7.98 -40.36 15.84
N THR B 251 -8.36 -40.83 14.66
CA THR B 251 -8.24 -39.99 13.47
C THR B 251 -9.53 -39.73 12.69
N ILE B 252 -9.79 -38.45 12.45
CA ILE B 252 -10.95 -37.99 11.67
C ILE B 252 -10.52 -37.41 10.35
N VAL B 253 -10.91 -38.02 9.25
CA VAL B 253 -10.59 -37.48 7.93
C VAL B 253 -11.71 -36.54 7.50
N PHE B 254 -11.34 -35.49 6.81
CA PHE B 254 -12.33 -34.54 6.33
C PHE B 254 -12.01 -33.90 5.00
N GLN B 255 -13.04 -33.26 4.47
CA GLN B 255 -12.93 -32.30 3.40
C GLN B 255 -13.84 -31.13 3.71
N THR B 256 -13.53 -30.01 3.08
CA THR B 256 -14.33 -28.79 3.16
C THR B 256 -14.68 -28.32 1.77
N HIS B 257 -15.96 -28.40 1.45
CA HIS B 257 -16.45 -27.97 0.16
C HIS B 257 -17.06 -26.57 0.25
N VAL B 258 -17.13 -25.95 -0.91
CA VAL B 258 -17.81 -24.68 -1.12
C VAL B 258 -19.12 -25.00 -1.83
N VAL B 259 -20.20 -24.93 -1.07
CA VAL B 259 -21.54 -25.20 -1.55
C VAL B 259 -21.89 -24.34 -2.76
N ASP B 260 -21.63 -23.05 -2.67
CA ASP B 260 -22.09 -22.10 -3.70
C ASP B 260 -21.57 -22.42 -5.12
N ARG B 261 -20.40 -23.06 -5.21
CA ARG B 261 -19.76 -23.30 -6.52
C ARG B 261 -19.45 -24.80 -6.80
N GLY B 262 -19.79 -25.68 -5.86
CA GLY B 262 -19.55 -27.11 -5.99
C GLY B 262 -18.09 -27.48 -6.19
N THR B 263 -17.21 -26.76 -5.50
CA THR B 263 -15.80 -27.10 -5.53
C THR B 263 -15.33 -27.66 -4.20
N ILE B 264 -14.09 -28.11 -4.19
CA ILE B 264 -13.47 -28.58 -2.96
C ILE B 264 -12.40 -27.58 -2.53
N ALA B 265 -12.61 -26.98 -1.36
CA ALA B 265 -11.68 -25.99 -0.81
C ALA B 265 -10.56 -26.67 -0.05
N ILE B 266 -10.92 -27.60 0.83
CA ILE B 266 -9.94 -28.38 1.56
C ILE B 266 -10.15 -29.85 1.30
N ASN B 267 -9.05 -30.50 0.94
CA ASN B 267 -9.00 -31.95 0.69
C ASN B 267 -7.78 -32.57 1.37
N ASN B 268 -7.65 -33.88 1.33
CA ASN B 268 -6.44 -34.54 1.83
C ASN B 268 -6.09 -34.09 3.24
N ALA B 269 -7.11 -34.17 4.08
CA ALA B 269 -7.06 -33.59 5.42
C ALA B 269 -7.53 -34.55 6.52
N ALA B 270 -6.96 -34.34 7.70
CA ALA B 270 -7.33 -35.09 8.90
C ALA B 270 -7.03 -34.35 10.18
N ILE B 271 -7.70 -34.76 11.26
CA ILE B 271 -7.30 -34.34 12.61
C ILE B 271 -7.03 -35.57 13.43
N LYS B 272 -6.12 -35.41 14.39
CA LYS B 272 -5.83 -36.45 15.36
C LYS B 272 -6.41 -36.02 16.71
N LEU B 273 -7.41 -36.75 17.15
CA LEU B 273 -8.10 -36.47 18.40
C LEU B 273 -7.19 -36.67 19.61
N VAL B 274 -7.44 -35.80 20.59
CA VAL B 274 -6.80 -35.87 21.90
C VAL B 274 -7.38 -37.04 22.70
N GLY B 275 -6.51 -37.81 23.32
CA GLY B 275 -6.93 -39.00 24.05
C GLY B 275 -7.84 -38.86 25.27
N ASP B 276 -7.71 -39.85 26.14
CA ASP B 276 -8.66 -40.21 27.20
C ASP B 276 -8.24 -39.78 28.62
N ASP C 4 30.05 25.21 -2.07
CA ASP C 4 28.73 25.64 -2.62
C ASP C 4 28.35 24.72 -3.79
N PRO C 5 27.25 23.97 -3.67
CA PRO C 5 26.93 22.91 -4.64
C PRO C 5 26.74 23.39 -6.10
N VAL C 6 27.36 22.63 -7.00
CA VAL C 6 27.16 22.79 -8.44
C VAL C 6 26.33 21.64 -8.99
N TRP C 7 25.35 22.02 -9.80
CA TRP C 7 24.39 21.09 -10.37
C TRP C 7 24.45 21.16 -11.89
N ARG C 8 25.08 20.13 -12.47
CA ARG C 8 25.15 19.92 -13.92
C ARG C 8 23.82 19.27 -14.37
N PHE C 9 23.05 19.97 -15.20
CA PHE C 9 21.81 19.41 -15.77
C PHE C 9 21.78 19.54 -17.29
N ASP C 10 20.94 18.71 -17.91
CA ASP C 10 20.76 18.73 -19.37
C ASP C 10 19.29 18.45 -19.80
N ASP C 11 19.10 18.37 -21.12
CA ASP C 11 17.78 18.22 -21.78
C ASP C 11 16.94 17.03 -21.23
N ARG C 12 17.64 15.97 -20.88
CA ARG C 12 17.05 14.80 -20.27
C ARG C 12 16.42 15.06 -18.89
N ASP C 13 17.15 15.77 -18.02
CA ASP C 13 16.60 16.19 -16.73
C ASP C 13 15.36 17.04 -16.95
N VAL C 14 15.43 17.93 -17.95
CA VAL C 14 14.28 18.78 -18.27
C VAL C 14 13.09 17.94 -18.70
N ILE C 15 13.33 16.98 -19.59
CA ILE C 15 12.21 16.27 -20.18
C ILE C 15 11.62 15.34 -19.14
N LEU C 16 12.51 14.67 -18.41
CA LEU C 16 12.10 13.77 -17.34
C LEU C 16 11.18 14.49 -16.30
N TYR C 17 11.55 15.72 -15.94
CA TYR C 17 10.78 16.55 -15.02
C TYR C 17 9.42 16.94 -15.61
N ASN C 18 9.44 17.50 -16.83
CA ASN C 18 8.23 17.89 -17.58
C ASN C 18 7.26 16.74 -17.74
N ILE C 19 7.79 15.57 -18.12
CA ILE C 19 6.89 14.42 -18.27
C ILE C 19 6.18 14.11 -16.94
N ALA C 20 6.94 14.13 -15.87
CA ALA C 20 6.39 13.88 -14.54
C ALA C 20 5.29 14.90 -14.21
N LEU C 21 5.43 16.14 -14.68
CA LEU C 21 4.39 17.16 -14.44
C LEU C 21 3.17 17.07 -15.38
N GLY C 22 3.11 16.03 -16.20
CA GLY C 22 1.98 15.78 -17.11
C GLY C 22 2.17 16.08 -18.62
N ALA C 23 3.34 16.55 -19.05
CA ALA C 23 3.57 16.86 -20.47
C ALA C 23 3.62 15.60 -21.36
N THR C 24 2.99 15.68 -22.53
CA THR C 24 2.84 14.53 -23.42
C THR C 24 3.41 14.84 -24.78
N THR C 25 3.40 13.87 -25.69
CA THR C 25 3.91 14.14 -27.07
C THR C 25 3.01 15.10 -27.85
N LYS C 26 1.83 15.41 -27.31
CA LYS C 26 0.98 16.49 -27.84
C LYS C 26 1.62 17.87 -27.65
N GLN C 27 2.67 17.92 -26.82
CA GLN C 27 3.42 19.15 -26.49
C GLN C 27 4.92 18.94 -26.66
N LEU C 28 5.34 18.85 -27.91
CA LEU C 28 6.73 18.60 -28.22
C LEU C 28 7.65 19.66 -27.60
N LYS C 29 7.11 20.85 -27.36
CA LYS C 29 7.90 21.93 -26.74
C LYS C 29 8.47 21.55 -25.38
N TYR C 30 7.78 20.62 -24.71
CA TYR C 30 8.17 20.12 -23.38
C TYR C 30 8.90 18.77 -23.36
N VAL C 31 8.68 17.92 -24.37
CA VAL C 31 9.23 16.56 -24.33
C VAL C 31 10.27 16.22 -25.41
N TYR C 32 10.61 17.23 -26.21
CA TYR C 32 11.53 17.05 -27.34
C TYR C 32 12.52 18.20 -27.49
N GLU C 33 13.80 17.88 -27.33
CA GLU C 33 14.87 18.87 -27.10
C GLU C 33 15.27 19.65 -28.33
N ASN C 34 14.95 19.09 -29.49
CA ASN C 34 15.26 19.74 -30.76
C ASN C 34 14.10 20.60 -31.29
N ASP C 35 12.98 20.58 -30.56
CA ASP C 35 11.84 21.44 -30.88
C ASP C 35 12.30 22.90 -30.77
N SER C 36 11.91 23.73 -31.73
CA SER C 36 12.28 25.16 -31.77
C SER C 36 11.85 25.96 -30.52
N ASP C 37 10.74 25.52 -29.93
CA ASP C 37 10.17 26.15 -28.74
C ASP C 37 10.47 25.32 -27.42
N PHE C 38 11.51 24.48 -27.47
CA PHE C 38 11.91 23.59 -26.36
C PHE C 38 12.20 24.39 -25.12
N GLN C 39 11.64 23.93 -24.02
CA GLN C 39 11.54 24.72 -22.81
C GLN C 39 11.15 23.88 -21.56
N VAL C 40 11.50 24.41 -20.39
CA VAL C 40 11.34 23.71 -19.11
C VAL C 40 10.28 24.38 -18.25
N ILE C 41 9.41 23.59 -17.63
CA ILE C 41 8.45 24.11 -16.66
C ILE C 41 9.26 24.70 -15.48
N PRO C 42 9.09 25.99 -15.19
CA PRO C 42 10.03 26.74 -14.33
C PRO C 42 10.10 26.37 -12.86
N THR C 43 9.15 25.60 -12.36
CA THR C 43 9.31 25.06 -11.01
C THR C 43 10.51 24.07 -10.90
N PHE C 44 11.02 23.66 -12.05
CA PHE C 44 12.30 22.93 -12.14
C PHE C 44 13.43 23.52 -11.28
N GLY C 45 13.42 24.84 -11.17
CA GLY C 45 14.50 25.54 -10.50
C GLY C 45 14.58 25.31 -9.00
N HIS C 46 13.55 24.70 -8.43
CA HIS C 46 13.57 24.30 -7.01
C HIS C 46 14.47 23.11 -6.73
N LEU C 47 14.79 22.33 -7.77
CA LEU C 47 15.51 21.04 -7.62
C LEU C 47 16.96 21.13 -7.12
N ILE C 48 17.51 22.35 -7.02
CA ILE C 48 18.85 22.60 -6.43
C ILE C 48 18.99 22.18 -4.96
N THR C 49 17.86 22.14 -4.26
CA THR C 49 17.74 21.58 -2.88
C THR C 49 18.31 20.15 -2.79
N PHE C 50 18.01 19.35 -3.83
CA PHE C 50 18.31 17.91 -3.85
C PHE C 50 19.55 17.57 -4.68
N ASN C 51 19.73 18.28 -5.79
CA ASN C 51 20.90 18.12 -6.67
C ASN C 51 21.96 19.18 -6.34
N LEU C 72 9.32 18.91 7.78
CA LEU C 72 7.98 19.11 7.21
C LEU C 72 7.90 20.35 6.32
N HIS C 73 7.64 20.12 5.03
CA HIS C 73 7.62 21.20 4.00
C HIS C 73 6.27 21.96 3.94
N GLY C 74 6.24 23.17 4.52
CA GLY C 74 5.01 23.96 4.69
C GLY C 74 4.67 24.99 3.60
N GLU C 75 5.69 25.67 3.07
CA GLU C 75 5.54 26.61 1.93
C GLU C 75 6.77 26.58 0.99
N HIS C 76 6.54 26.83 -0.28
CA HIS C 76 7.63 27.10 -1.20
C HIS C 76 7.37 28.29 -2.14
N TYR C 77 8.43 29.08 -2.27
CA TYR C 77 8.49 30.25 -3.14
C TYR C 77 9.67 30.06 -4.08
N LEU C 78 9.42 30.30 -5.36
CA LEU C 78 10.42 30.23 -6.41
C LEU C 78 10.25 31.45 -7.31
N LYS C 79 11.37 32.11 -7.65
CA LYS C 79 11.41 33.08 -8.75
C LYS C 79 12.44 32.76 -9.84
N VAL C 80 12.04 32.98 -11.08
CA VAL C 80 12.93 32.94 -12.24
C VAL C 80 13.39 34.34 -12.64
N HIS C 81 14.67 34.64 -12.46
CA HIS C 81 15.27 35.96 -12.72
C HIS C 81 15.76 36.14 -14.15
N SER C 82 15.93 35.01 -14.83
CA SER C 82 16.50 34.97 -16.17
C SER C 82 15.57 34.18 -17.07
N TRP C 83 14.84 34.90 -17.92
CA TRP C 83 13.80 34.31 -18.75
C TRP C 83 14.22 34.17 -20.22
N PRO C 84 13.94 33.04 -20.89
CA PRO C 84 13.39 31.80 -20.28
C PRO C 84 14.45 31.04 -19.49
N PRO C 85 14.05 30.21 -18.53
CA PRO C 85 15.02 29.48 -17.73
C PRO C 85 15.71 28.48 -18.65
N PRO C 86 16.97 28.20 -18.39
CA PRO C 86 17.76 27.40 -19.31
C PRO C 86 17.37 25.94 -19.25
N THR C 87 17.57 25.25 -20.36
CA THR C 87 17.23 23.84 -20.49
C THR C 87 18.43 22.92 -20.33
N GLU C 88 19.60 23.54 -20.22
CA GLU C 88 20.83 22.83 -19.89
C GLU C 88 21.84 23.80 -19.36
N GLY C 89 22.82 23.27 -18.62
CA GLY C 89 23.94 24.08 -18.13
C GLY C 89 24.47 23.64 -16.78
N GLU C 90 25.13 24.58 -16.10
CA GLU C 90 25.62 24.39 -14.74
C GLU C 90 25.09 25.46 -13.79
N ILE C 91 24.58 25.03 -12.64
CA ILE C 91 24.06 25.94 -11.61
C ILE C 91 24.81 25.84 -10.30
N LYS C 92 25.29 26.98 -9.82
CA LYS C 92 25.84 27.11 -8.47
C LYS C 92 24.80 27.74 -7.53
N THR C 93 24.53 27.07 -6.43
CA THR C 93 23.61 27.56 -5.44
C THR C 93 24.28 27.93 -4.14
N THR C 94 23.84 29.07 -3.60
CA THR C 94 24.22 29.56 -2.28
C THR C 94 23.00 29.49 -1.34
N PHE C 95 23.15 28.80 -0.22
CA PHE C 95 22.11 28.75 0.83
C PHE C 95 22.38 29.69 2.00
N GLU C 96 21.29 30.15 2.58
CA GLU C 96 21.29 31.20 3.58
C GLU C 96 19.98 31.10 4.36
N PRO C 97 20.02 31.22 5.68
CA PRO C 97 18.78 31.20 6.46
C PRO C 97 18.08 32.53 6.35
N ILE C 98 16.75 32.49 6.43
CA ILE C 98 15.94 33.69 6.25
C ILE C 98 15.29 34.10 7.56
N ALA C 99 14.58 33.17 8.16
CA ALA C 99 13.90 33.46 9.42
C ALA C 99 13.66 32.22 10.27
N THR C 100 13.57 32.45 11.58
CA THR C 100 13.04 31.48 12.55
C THR C 100 11.96 32.16 13.39
N THR C 101 10.78 31.53 13.45
CA THR C 101 9.60 32.13 14.13
C THR C 101 8.73 31.08 14.85
N PRO C 102 8.50 31.25 16.16
CA PRO C 102 7.58 30.39 16.92
C PRO C 102 6.15 30.31 16.37
N VAL C 107 7.77 25.89 15.90
CA VAL C 107 8.63 26.87 15.23
C VAL C 107 8.68 26.64 13.72
N VAL C 108 8.52 27.75 13.00
CA VAL C 108 8.56 27.81 11.54
C VAL C 108 9.88 28.36 11.07
N ILE C 109 10.57 27.56 10.24
CA ILE C 109 11.83 27.97 9.66
C ILE C 109 11.66 28.26 8.17
N VAL C 110 12.19 29.41 7.76
CA VAL C 110 12.28 29.76 6.34
C VAL C 110 13.73 29.76 5.95
N HIS C 111 13.98 29.19 4.77
CA HIS C 111 15.33 28.90 4.29
C HIS C 111 15.50 29.41 2.85
N GLY C 112 16.49 30.26 2.66
CA GLY C 112 16.72 30.91 1.38
C GLY C 112 17.75 30.24 0.50
N SER C 113 17.70 30.55 -0.78
CA SER C 113 18.67 30.05 -1.72
C SER C 113 18.68 30.89 -3.00
N LYS C 114 19.89 31.11 -3.52
CA LYS C 114 20.09 31.81 -4.80
C LYS C 114 20.93 30.97 -5.75
N SER C 115 20.40 30.75 -6.94
CA SER C 115 21.03 29.85 -7.88
C SER C 115 21.57 30.61 -9.09
N VAL C 116 22.89 30.57 -9.26
CA VAL C 116 23.54 31.27 -10.38
C VAL C 116 24.03 30.28 -11.46
N ASP C 117 24.08 30.79 -12.69
CA ASP C 117 24.78 30.13 -13.79
C ASP C 117 26.26 30.13 -13.44
N ASN C 118 26.80 28.94 -13.27
CA ASN C 118 28.18 28.74 -12.80
C ASN C 118 29.25 29.27 -13.76
N LYS C 119 28.95 29.30 -15.05
CA LYS C 119 29.88 29.83 -16.07
C LYS C 119 29.99 31.37 -16.05
N SER C 120 28.81 32.02 -16.06
CA SER C 120 28.71 33.49 -16.21
C SER C 120 28.48 34.32 -14.93
N GLY C 121 28.04 33.64 -13.87
CA GLY C 121 27.64 34.30 -12.62
C GLY C 121 26.23 34.90 -12.59
N GLU C 122 25.49 34.80 -13.70
CA GLU C 122 24.14 35.38 -13.85
C GLU C 122 23.10 34.71 -12.95
N LEU C 123 22.26 35.51 -12.31
CA LEU C 123 21.24 34.97 -11.40
C LEU C 123 20.09 34.35 -12.22
N ILE C 124 19.79 33.09 -11.93
CA ILE C 124 18.72 32.35 -12.64
C ILE C 124 17.47 32.13 -11.80
N TYR C 125 17.66 31.53 -10.64
CA TYR C 125 16.55 31.13 -9.76
C TYR C 125 16.77 31.58 -8.31
N SER C 126 15.69 31.95 -7.64
CA SER C 126 15.66 32.10 -6.18
C SER C 126 14.61 31.17 -5.61
N ASN C 127 14.95 30.55 -4.48
CA ASN C 127 14.02 29.70 -3.74
C ASN C 127 13.96 30.09 -2.29
N GLU C 128 12.74 30.11 -1.78
CA GLU C 128 12.49 30.21 -0.34
C GLU C 128 11.61 29.00 0.08
N ALA C 129 12.20 28.14 0.93
CA ALA C 129 11.54 26.95 1.44
C ALA C 129 11.17 27.23 2.88
N THR C 130 9.88 27.06 3.20
CA THR C 130 9.42 27.20 4.58
C THR C 130 9.13 25.83 5.16
N TYR C 131 9.62 25.59 6.37
CA TYR C 131 9.42 24.32 7.10
C TYR C 131 8.66 24.55 8.41
N PHE C 132 7.72 23.65 8.72
CA PHE C 132 6.96 23.65 9.99
C PHE C 132 7.52 22.54 10.87
N ILE C 133 8.25 22.98 11.90
CA ILE C 133 8.95 22.09 12.83
C ILE C 133 8.12 22.01 14.09
N ARG C 134 7.38 20.90 14.23
CA ARG C 134 6.32 20.73 15.25
C ARG C 134 6.85 20.54 16.66
N ASN C 135 6.30 21.36 17.58
CA ASN C 135 6.52 21.28 19.03
C ASN C 135 8.01 21.24 19.45
N CYS C 136 8.80 22.09 18.79
CA CYS C 136 10.24 22.35 19.06
C CYS C 136 10.46 23.62 19.90
N GLN C 137 9.49 24.54 19.88
CA GLN C 137 9.54 25.85 20.55
C GLN C 137 10.90 26.42 21.01
N ALA C 138 11.75 26.74 20.02
CA ALA C 138 13.12 27.31 20.17
C ALA C 138 13.41 28.55 19.25
N ASP C 139 13.45 29.71 19.92
CA ASP C 139 13.25 31.15 19.49
C ASP C 139 13.67 32.00 18.24
N ASN C 140 13.07 33.21 18.29
CA ASN C 140 12.94 34.27 17.26
C ASN C 140 14.13 35.07 16.72
N LYS C 141 14.33 34.90 15.42
CA LYS C 141 15.26 35.69 14.64
C LYS C 141 14.74 35.96 13.21
N VAL C 142 15.18 37.08 12.66
CA VAL C 142 14.96 37.40 11.25
C VAL C 142 16.34 37.70 10.65
N TYR C 143 16.75 36.88 9.70
CA TYR C 143 18.07 36.94 9.09
C TYR C 143 18.08 37.61 7.72
N ALA C 144 16.92 37.75 7.12
CA ALA C 144 16.82 38.45 5.85
C ALA C 144 15.44 38.92 5.51
N ASP C 145 15.41 39.89 4.62
CA ASP C 145 14.18 40.35 4.00
C ASP C 145 13.69 39.35 2.99
N ARG C 146 12.42 39.43 2.68
CA ARG C 146 11.74 38.55 1.72
C ARG C 146 10.94 39.37 0.70
N PRO C 147 10.83 38.92 -0.53
CA PRO C 147 9.96 39.60 -1.49
C PRO C 147 8.50 39.46 -1.06
N ALA C 148 7.72 40.48 -1.40
CA ALA C 148 6.31 40.56 -1.02
C ALA C 148 5.51 39.33 -1.51
N PHE C 149 5.81 38.88 -2.70
CA PHE C 149 5.12 37.73 -3.29
C PHE C 149 5.30 36.44 -2.45
N ALA C 150 6.45 36.30 -1.79
CA ALA C 150 6.73 35.12 -0.97
C ALA C 150 5.95 35.11 0.33
N THR C 151 5.62 36.29 0.85
CA THR C 151 4.92 36.44 2.14
C THR C 151 3.43 36.76 2.00
N ASN C 152 2.99 36.99 0.78
CA ASN C 152 1.58 37.25 0.50
C ASN C 152 0.69 36.03 0.84
N GLN C 153 -0.43 36.27 1.51
CA GLN C 153 -1.34 35.18 1.92
C GLN C 153 -2.20 34.59 0.78
N PHE C 154 -2.39 35.35 -0.31
CA PHE C 154 -3.10 34.92 -1.52
C PHE C 154 -4.38 34.17 -1.18
N LEU C 155 -5.17 34.81 -0.32
CA LEU C 155 -6.41 34.22 0.15
C LEU C 155 -7.32 34.05 -1.05
N ALA C 156 -7.83 32.83 -1.22
CA ALA C 156 -8.79 32.55 -2.27
C ALA C 156 -9.99 33.47 -2.10
N PRO C 157 -10.29 34.31 -3.10
CA PRO C 157 -11.42 35.24 -2.97
C PRO C 157 -12.73 34.48 -2.99
N LYS C 158 -13.73 35.06 -2.35
CA LYS C 158 -14.99 34.37 -2.02
C LYS C 158 -15.90 33.95 -3.20
N ARG C 159 -15.66 34.52 -4.39
CA ARG C 159 -16.47 34.23 -5.59
C ARG C 159 -16.08 32.91 -6.27
N ALA C 160 -16.86 32.51 -7.26
CA ALA C 160 -16.55 31.29 -8.01
C ALA C 160 -15.22 31.44 -8.76
N PRO C 161 -14.50 30.33 -8.91
CA PRO C 161 -13.28 30.31 -9.72
C PRO C 161 -13.49 30.69 -11.20
N ASP C 162 -12.54 31.42 -11.75
CA ASP C 162 -12.50 31.73 -13.19
C ASP C 162 -12.18 30.52 -14.05
N TYR C 163 -11.43 29.60 -13.45
CA TYR C 163 -11.01 28.39 -14.11
C TYR C 163 -10.91 27.22 -13.16
N GLN C 164 -11.20 26.05 -13.72
CA GLN C 164 -11.26 24.79 -12.99
C GLN C 164 -10.74 23.67 -13.90
N VAL C 165 -9.84 22.84 -13.37
CA VAL C 165 -9.27 21.71 -14.13
C VAL C 165 -8.89 20.55 -13.20
N ASP C 166 -9.30 19.35 -13.61
CA ASP C 166 -8.94 18.10 -12.94
C ASP C 166 -7.61 17.58 -13.49
N VAL C 167 -6.75 17.10 -12.60
CA VAL C 167 -5.44 16.55 -12.96
C VAL C 167 -5.22 15.20 -12.30
N PRO C 168 -5.36 14.10 -13.04
CA PRO C 168 -5.05 12.77 -12.49
C PRO C 168 -3.61 12.56 -12.07
N VAL C 169 -3.47 11.88 -10.94
CA VAL C 169 -2.16 11.53 -10.41
C VAL C 169 -1.98 10.03 -10.56
N SER C 170 -1.07 9.61 -11.42
CA SER C 170 -0.87 8.18 -11.65
C SER C 170 -0.41 7.47 -10.36
N GLU C 171 -0.86 6.24 -10.19
CA GLU C 171 -0.41 5.33 -9.10
C GLU C 171 1.13 5.31 -8.98
N ASP C 172 1.81 5.51 -10.10
CA ASP C 172 3.26 5.39 -10.17
C ASP C 172 3.99 6.68 -10.33
N LEU C 173 3.31 7.80 -10.17
CA LEU C 173 3.96 9.09 -10.43
C LEU C 173 5.19 9.34 -9.55
N ALA C 174 5.05 9.08 -8.26
CA ALA C 174 6.15 9.31 -7.31
C ALA C 174 7.46 8.71 -7.80
N ALA C 175 7.37 7.48 -8.30
CA ALA C 175 8.50 6.65 -8.72
C ALA C 175 9.24 7.26 -9.86
N LEU C 176 8.49 7.98 -10.67
CA LEU C 176 9.08 8.67 -11.83
C LEU C 176 9.60 10.06 -11.45
N TYR C 177 8.80 10.79 -10.68
CA TYR C 177 9.09 12.16 -10.25
C TYR C 177 10.34 12.23 -9.37
N ARG C 178 10.50 11.24 -8.51
CA ARG C 178 11.66 11.20 -7.60
C ARG C 178 12.99 11.11 -8.35
N LEU C 179 12.97 10.61 -9.57
CA LEU C 179 14.19 10.62 -10.40
C LEU C 179 14.68 12.05 -10.70
N SER C 180 13.85 13.03 -10.37
CA SER C 180 14.20 14.41 -10.65
C SER C 180 15.14 14.98 -9.60
N GLY C 181 15.17 14.32 -8.44
CA GLY C 181 16.10 14.67 -7.38
C GLY C 181 15.78 14.17 -5.97
N ASP C 182 14.51 14.24 -5.55
CA ASP C 182 14.14 13.93 -4.16
C ASP C 182 13.87 12.44 -3.93
N ARG C 183 14.88 11.76 -3.41
CA ARG C 183 14.84 10.31 -3.17
C ARG C 183 14.23 9.89 -1.80
N ASN C 184 13.61 10.83 -1.09
CA ASN C 184 12.95 10.58 0.18
C ASN C 184 12.12 9.25 0.15
N PRO C 185 12.46 8.29 1.02
CA PRO C 185 11.72 7.01 1.11
C PRO C 185 10.23 7.13 1.38
N LEU C 186 9.79 8.23 1.98
CA LEU C 186 8.39 8.48 2.31
C LEU C 186 7.46 8.39 1.08
N GLN C 187 8.01 8.75 -0.08
CA GLN C 187 7.25 8.76 -1.32
C GLN C 187 7.30 7.47 -2.14
N ILE C 188 7.95 6.44 -1.64
CA ILE C 188 8.15 5.21 -2.41
C ILE C 188 8.10 3.88 -1.63
N ASP C 189 8.68 3.88 -0.41
CA ASP C 189 8.79 2.70 0.44
C ASP C 189 7.62 2.60 1.43
N PRO C 190 6.71 1.64 1.25
CA PRO C 190 5.57 1.45 2.16
C PRO C 190 5.99 1.22 3.59
N ASN C 191 7.05 0.45 3.80
CA ASN C 191 7.55 0.23 5.17
C ASN C 191 7.95 1.51 5.89
N PHE C 192 8.52 2.46 5.16
CA PHE C 192 8.96 3.73 5.74
C PHE C 192 7.78 4.68 5.98
N ALA C 193 6.93 4.76 4.98
CA ALA C 193 5.69 5.54 5.09
C ALA C 193 4.90 5.14 6.33
N LYS C 194 4.83 3.83 6.58
CA LYS C 194 4.09 3.26 7.72
C LYS C 194 4.72 3.52 9.11
N GLY C 195 6.04 3.45 9.18
CA GLY C 195 6.80 3.93 10.35
C GLY C 195 6.67 5.44 10.65
N ALA C 196 6.38 6.24 9.62
CA ALA C 196 6.08 7.68 9.77
C ALA C 196 4.57 7.96 9.95
N LYS C 197 3.82 6.88 10.19
CA LYS C 197 2.38 6.91 10.53
C LYS C 197 1.41 7.16 9.34
N PHE C 198 1.88 6.88 8.13
CA PHE C 198 1.05 6.97 6.92
C PHE C 198 0.57 5.56 6.56
N PRO C 199 -0.58 5.43 5.93
CA PRO C 199 -1.08 4.13 5.54
C PRO C 199 -0.34 3.52 4.35
N LYS C 200 0.25 4.40 3.54
CA LYS C 200 1.01 4.04 2.35
C LYS C 200 1.79 5.29 1.88
N PRO C 201 2.72 5.13 0.95
CA PRO C 201 3.53 6.26 0.49
C PRO C 201 2.73 7.43 -0.08
N ILE C 202 3.18 8.65 0.20
CA ILE C 202 2.51 9.86 -0.28
C ILE C 202 3.22 10.41 -1.51
N LEU C 203 2.53 11.29 -2.23
CA LEU C 203 3.13 11.95 -3.39
C LEU C 203 3.96 13.13 -2.87
N HIS C 204 5.12 13.38 -3.48
CA HIS C 204 5.94 14.54 -3.12
C HIS C 204 5.10 15.80 -3.22
N GLY C 205 5.07 16.58 -2.14
CA GLY C 205 4.49 17.92 -2.15
C GLY C 205 4.87 18.77 -3.38
N MET C 206 6.16 18.79 -3.72
CA MET C 206 6.67 19.59 -4.84
C MET C 206 6.13 19.06 -6.16
N CYS C 207 5.74 17.80 -6.19
CA CYS C 207 5.04 17.24 -7.34
C CYS C 207 3.63 17.79 -7.49
N THR C 208 2.87 17.85 -6.40
CA THR C 208 1.50 18.38 -6.48
C THR C 208 1.53 19.83 -7.02
N TYR C 209 2.58 20.49 -6.61
CA TYR C 209 2.89 21.90 -6.86
C TYR C 209 3.26 22.17 -8.29
N GLY C 210 4.10 21.27 -8.82
CA GLY C 210 4.52 21.28 -10.21
C GLY C 210 3.40 20.88 -11.14
N LEU C 211 2.62 19.90 -10.72
CA LEU C 211 1.49 19.44 -11.51
C LEU C 211 0.49 20.57 -11.60
N SER C 212 0.30 21.23 -10.46
CA SER C 212 -0.57 22.39 -10.38
C SER C 212 -0.05 23.48 -11.32
N ALA C 213 1.24 23.73 -11.25
CA ALA C 213 1.87 24.81 -12.04
C ALA C 213 1.68 24.56 -13.52
N LYS C 214 1.76 23.30 -13.89
CA LYS C 214 1.69 22.89 -15.28
C LYS C 214 0.33 23.17 -15.84
N ALA C 215 -0.69 22.82 -15.04
CA ALA C 215 -2.08 22.99 -15.43
C ALA C 215 -2.35 24.46 -15.62
N LEU C 216 -1.81 25.26 -14.71
CA LEU C 216 -1.96 26.69 -14.80
C LEU C 216 -1.32 27.27 -16.05
N ILE C 217 -0.18 26.72 -16.46
CA ILE C 217 0.51 27.21 -17.64
C ILE C 217 -0.28 26.91 -18.90
N ASP C 218 -0.83 25.70 -18.97
CA ASP C 218 -1.66 25.28 -20.11
C ASP C 218 -2.75 26.30 -20.40
N LYS C 219 -3.39 26.78 -19.34
CA LYS C 219 -4.52 27.72 -19.46
C LYS C 219 -4.06 29.19 -19.51
N PHE C 220 -3.16 29.59 -18.63
CA PHE C 220 -2.91 31.03 -18.42
C PHE C 220 -1.61 31.55 -19.01
N GLY C 221 -0.70 30.64 -19.31
CA GLY C 221 0.58 30.99 -19.88
C GLY C 221 1.69 30.86 -18.84
N MET C 222 2.90 31.16 -19.29
CA MET C 222 4.09 30.94 -18.46
C MET C 222 4.18 31.96 -17.34
N PHE C 223 4.95 31.64 -16.32
CA PHE C 223 5.13 32.53 -15.17
C PHE C 223 6.53 32.53 -14.65
N ASN C 224 6.94 33.66 -14.10
CA ASN C 224 8.29 33.81 -13.52
C ASN C 224 8.31 33.78 -12.02
N GLU C 225 7.14 33.65 -11.41
CA GLU C 225 7.04 33.68 -9.96
C GLU C 225 5.89 32.80 -9.46
N ILE C 226 6.17 32.02 -8.43
CA ILE C 226 5.17 31.17 -7.81
C ILE C 226 5.41 31.06 -6.32
N LYS C 227 4.32 30.96 -5.59
CA LYS C 227 4.35 30.81 -4.14
C LYS C 227 3.15 29.99 -3.73
N ALA C 228 3.34 29.09 -2.77
CA ALA C 228 2.26 28.26 -2.28
C ALA C 228 2.51 27.71 -0.88
N ARG C 229 1.39 27.47 -0.21
CA ARG C 229 1.35 26.75 1.07
C ARG C 229 0.82 25.32 0.92
N PHE C 230 1.60 24.37 1.40
CA PHE C 230 1.17 22.96 1.52
C PHE C 230 0.33 22.69 2.74
N THR C 231 -0.92 22.33 2.54
CA THR C 231 -1.87 22.18 3.64
C THR C 231 -2.49 20.80 3.78
N GLY C 232 -2.08 19.87 2.94
CA GLY C 232 -2.65 18.56 2.93
C GLY C 232 -1.94 17.61 2.01
N ILE C 233 -1.92 16.33 2.40
CA ILE C 233 -1.15 15.32 1.66
C ILE C 233 -1.89 14.83 0.43
N VAL C 234 -1.13 14.29 -0.53
CA VAL C 234 -1.71 13.69 -1.73
C VAL C 234 -1.13 12.29 -1.85
N PHE C 235 -1.97 11.32 -2.28
CA PHE C 235 -1.52 9.95 -2.53
C PHE C 235 -1.51 9.63 -4.01
N PRO C 236 -0.50 8.92 -4.50
CA PRO C 236 -0.52 8.45 -5.87
C PRO C 236 -1.82 7.72 -6.16
N GLY C 237 -2.35 7.99 -7.35
CA GLY C 237 -3.59 7.36 -7.79
C GLY C 237 -4.78 8.26 -7.58
N GLU C 238 -4.55 9.34 -6.85
CA GLU C 238 -5.59 10.34 -6.54
C GLU C 238 -5.75 11.36 -7.66
N THR C 239 -6.90 12.03 -7.64
CA THR C 239 -7.25 13.07 -8.61
C THR C 239 -7.21 14.45 -7.95
N LEU C 240 -6.40 15.32 -8.53
CA LEU C 240 -6.31 16.71 -8.10
C LEU C 240 -7.38 17.51 -8.84
N ARG C 241 -7.87 18.55 -8.19
CA ARG C 241 -8.63 19.62 -8.85
C ARG C 241 -8.04 21.00 -8.56
N VAL C 242 -7.53 21.64 -9.60
CA VAL C 242 -6.94 22.97 -9.50
C VAL C 242 -8.01 24.03 -9.70
N LEU C 243 -8.03 24.99 -8.78
CA LEU C 243 -9.01 26.07 -8.77
C LEU C 243 -8.26 27.38 -8.95
N ALA C 244 -8.62 28.16 -9.98
CA ALA C 244 -7.91 29.41 -10.32
C ALA C 244 -8.79 30.67 -10.37
N TRP C 245 -8.21 31.76 -9.88
CA TRP C 245 -8.79 33.08 -9.93
C TRP C 245 -7.83 34.08 -10.56
N LYS C 246 -8.29 34.77 -11.59
CA LYS C 246 -7.51 35.85 -12.22
C LYS C 246 -7.78 37.15 -11.47
N GLU C 247 -6.74 37.66 -10.80
CA GLU C 247 -6.86 38.77 -9.83
C GLU C 247 -6.36 40.15 -10.29
N SER C 248 -5.28 40.16 -11.05
CA SER C 248 -4.83 41.36 -11.77
C SER C 248 -4.45 40.89 -13.21
N ASP C 249 -3.97 41.81 -14.05
CA ASP C 249 -3.39 41.44 -15.38
C ASP C 249 -2.25 40.40 -15.23
N ASP C 250 -1.62 40.41 -14.05
CA ASP C 250 -0.40 39.67 -13.78
C ASP C 250 -0.58 38.41 -12.93
N THR C 251 -1.55 38.43 -12.03
CA THR C 251 -1.55 37.49 -10.90
C THR C 251 -2.73 36.50 -10.89
N ILE C 252 -2.40 35.23 -10.78
CA ILE C 252 -3.36 34.15 -10.73
C ILE C 252 -3.28 33.46 -9.39
N VAL C 253 -4.29 33.67 -8.55
CA VAL C 253 -4.43 32.96 -7.27
C VAL C 253 -5.03 31.57 -7.55
N PHE C 254 -4.58 30.59 -6.78
CA PHE C 254 -5.08 29.23 -6.92
C PHE C 254 -5.12 28.42 -5.62
N GLN C 255 -5.90 27.36 -5.69
CA GLN C 255 -5.94 26.27 -4.72
C GLN C 255 -5.85 24.91 -5.46
N THR C 256 -5.30 23.91 -4.78
CA THR C 256 -5.33 22.55 -5.28
C THR C 256 -6.02 21.63 -4.29
N HIS C 257 -7.10 21.01 -4.74
CA HIS C 257 -7.94 20.17 -3.90
C HIS C 257 -7.69 18.75 -4.25
N VAL C 258 -8.04 17.89 -3.31
CA VAL C 258 -8.03 16.46 -3.54
C VAL C 258 -9.46 15.99 -3.63
N VAL C 259 -9.84 15.60 -4.84
CA VAL C 259 -11.22 15.25 -5.16
C VAL C 259 -11.62 14.03 -4.36
N ASP C 260 -10.71 13.06 -4.28
CA ASP C 260 -11.02 11.77 -3.63
C ASP C 260 -11.42 11.91 -2.15
N ARG C 261 -10.78 12.82 -1.43
CA ARG C 261 -10.99 12.92 0.03
C ARG C 261 -11.66 14.23 0.47
N GLY C 262 -11.89 15.12 -0.50
CA GLY C 262 -12.52 16.41 -0.22
C GLY C 262 -11.68 17.34 0.65
N THR C 263 -10.36 17.29 0.45
CA THR C 263 -9.42 18.12 1.20
C THR C 263 -8.72 19.11 0.27
N ILE C 264 -7.93 19.98 0.87
CA ILE C 264 -7.15 20.99 0.17
C ILE C 264 -5.70 20.71 0.43
N ALA C 265 -4.96 20.49 -0.64
CA ALA C 265 -3.56 20.10 -0.59
C ALA C 265 -2.61 21.30 -0.78
N ILE C 266 -3.06 22.27 -1.56
CA ILE C 266 -2.32 23.51 -1.76
C ILE C 266 -3.26 24.69 -1.68
N ASN C 267 -2.95 25.61 -0.76
CA ASN C 267 -3.72 26.81 -0.52
C ASN C 267 -2.79 28.01 -0.47
N ASN C 268 -3.34 29.20 -0.27
CA ASN C 268 -2.51 30.41 -0.13
C ASN C 268 -1.47 30.50 -1.23
N ALA C 269 -1.93 30.27 -2.47
CA ALA C 269 -1.03 30.13 -3.61
C ALA C 269 -1.31 31.06 -4.77
N ALA C 270 -0.27 31.32 -5.55
CA ALA C 270 -0.39 32.19 -6.71
C ALA C 270 0.82 32.09 -7.64
N ILE C 271 0.60 32.44 -8.89
CA ILE C 271 1.66 32.62 -9.88
C ILE C 271 1.62 34.04 -10.46
N LYS C 272 2.78 34.52 -10.89
CA LYS C 272 2.91 35.80 -11.54
C LYS C 272 3.32 35.56 -12.98
N LEU C 273 2.39 35.85 -13.87
CA LEU C 273 2.57 35.68 -15.32
C LEU C 273 3.68 36.58 -15.88
N VAL C 274 4.34 36.10 -16.92
CA VAL C 274 5.45 36.83 -17.56
C VAL C 274 5.00 38.07 -18.32
N ASP D 4 34.43 9.82 -24.39
CA ASP D 4 34.91 8.55 -23.75
C ASP D 4 34.17 7.37 -24.36
N PRO D 5 34.84 6.22 -24.51
CA PRO D 5 34.14 4.95 -24.79
C PRO D 5 33.47 4.38 -23.49
N VAL D 6 33.46 5.23 -22.45
CA VAL D 6 33.00 4.91 -21.11
C VAL D 6 31.62 5.47 -20.79
N TRP D 7 30.73 4.56 -20.44
CA TRP D 7 29.39 4.85 -19.99
C TRP D 7 29.34 4.86 -18.46
N ARG D 8 29.00 6.00 -17.89
CA ARG D 8 28.87 6.15 -16.43
C ARG D 8 27.39 6.21 -16.11
N PHE D 9 26.96 5.25 -15.30
CA PHE D 9 25.53 5.09 -14.94
C PHE D 9 25.30 4.76 -13.46
N ASP D 10 24.10 5.05 -12.99
CA ASP D 10 23.72 4.68 -11.61
C ASP D 10 22.24 4.25 -11.47
N ASP D 11 21.78 4.19 -10.23
CA ASP D 11 20.43 3.74 -9.93
C ASP D 11 19.38 4.50 -10.73
N ARG D 12 19.71 5.73 -11.06
CA ARG D 12 18.79 6.57 -11.79
C ARG D 12 18.58 6.09 -13.21
N ASP D 13 19.64 5.68 -13.86
CA ASP D 13 19.52 5.15 -15.22
C ASP D 13 18.76 3.85 -15.24
N VAL D 14 19.02 3.01 -14.24
CA VAL D 14 18.34 1.74 -14.05
C VAL D 14 16.83 1.93 -13.93
N ILE D 15 16.43 2.82 -13.03
CA ILE D 15 15.03 3.01 -12.72
C ILE D 15 14.27 3.61 -13.93
N LEU D 16 14.83 4.68 -14.47
CA LEU D 16 14.29 5.33 -15.67
C LEU D 16 14.01 4.35 -16.82
N TYR D 17 14.98 3.45 -17.00
CA TYR D 17 14.90 2.38 -17.98
C TYR D 17 13.80 1.37 -17.62
N ASN D 18 13.78 0.91 -16.38
CA ASN D 18 12.81 -0.10 -15.94
C ASN D 18 11.40 0.43 -16.07
N ILE D 19 11.21 1.68 -15.63
CA ILE D 19 9.88 2.30 -15.66
C ILE D 19 9.39 2.32 -17.10
N ALA D 20 10.27 2.71 -18.02
CA ALA D 20 9.91 2.75 -19.45
C ALA D 20 9.53 1.37 -19.98
N LEU D 21 10.09 0.32 -19.40
CA LEU D 21 9.72 -1.06 -19.78
C LEU D 21 8.53 -1.58 -19.04
N GLY D 22 7.88 -0.73 -18.25
CA GLY D 22 6.60 -1.01 -17.60
C GLY D 22 6.66 -1.41 -16.13
N ALA D 23 7.82 -1.24 -15.52
CA ALA D 23 7.98 -1.46 -14.07
C ALA D 23 7.22 -0.40 -13.26
N THR D 24 6.52 -0.86 -12.22
CA THR D 24 5.69 -0.01 -11.37
C THR D 24 6.07 -0.17 -9.91
N THR D 25 5.46 0.64 -9.06
CA THR D 25 5.62 0.48 -7.59
C THR D 25 5.18 -0.89 -7.05
N LYS D 26 4.43 -1.66 -7.84
CA LYS D 26 4.08 -3.07 -7.48
C LYS D 26 5.33 -3.99 -7.39
N GLN D 27 6.39 -3.55 -8.09
CA GLN D 27 7.68 -4.24 -8.14
C GLN D 27 8.79 -3.28 -7.71
N LEU D 28 9.05 -3.19 -6.40
CA LEU D 28 10.00 -2.20 -5.86
C LEU D 28 11.46 -2.56 -6.20
N LYS D 29 11.70 -3.83 -6.43
CA LYS D 29 13.00 -4.32 -6.89
C LYS D 29 13.48 -3.60 -8.15
N TYR D 30 12.52 -3.08 -8.92
CA TYR D 30 12.82 -2.42 -10.19
C TYR D 30 12.90 -0.90 -10.12
N VAL D 31 12.21 -0.30 -9.16
CA VAL D 31 11.99 1.16 -9.17
C VAL D 31 12.44 1.88 -7.90
N TYR D 32 13.13 1.16 -7.04
CA TYR D 32 13.57 1.69 -5.78
C TYR D 32 14.94 1.14 -5.42
N GLU D 33 15.90 2.05 -5.37
CA GLU D 33 17.32 1.73 -5.32
C GLU D 33 17.75 1.13 -3.98
N ASN D 34 16.92 1.35 -2.96
CA ASN D 34 17.20 0.86 -1.59
C ASN D 34 16.52 -0.48 -1.26
N ASP D 35 15.80 -1.02 -2.23
CA ASP D 35 15.23 -2.35 -2.09
C ASP D 35 16.38 -3.38 -2.03
N SER D 36 16.28 -4.32 -1.08
CA SER D 36 17.32 -5.36 -0.92
C SER D 36 17.56 -6.20 -2.20
N ASP D 37 16.57 -6.27 -3.06
CA ASP D 37 16.60 -7.04 -4.31
C ASP D 37 16.66 -6.13 -5.56
N PHE D 38 17.19 -4.92 -5.37
CA PHE D 38 17.35 -3.95 -6.44
C PHE D 38 18.12 -4.46 -7.64
N GLN D 39 17.56 -4.19 -8.80
CA GLN D 39 18.07 -4.79 -10.01
C GLN D 39 17.56 -4.14 -11.30
N VAL D 40 18.29 -4.43 -12.36
CA VAL D 40 17.99 -3.93 -13.70
C VAL D 40 17.62 -5.04 -14.71
N ILE D 41 16.62 -4.75 -15.51
CA ILE D 41 16.24 -5.63 -16.59
C ILE D 41 17.42 -5.75 -17.57
N PRO D 42 17.86 -6.98 -17.88
CA PRO D 42 19.18 -7.17 -18.49
C PRO D 42 19.37 -6.52 -19.87
N THR D 43 18.30 -6.23 -20.58
CA THR D 43 18.41 -5.58 -21.89
C THR D 43 19.01 -4.17 -21.77
N PHE D 44 19.11 -3.70 -20.54
CA PHE D 44 19.84 -2.47 -20.16
C PHE D 44 21.23 -2.44 -20.84
N GLY D 45 21.89 -3.58 -20.91
CA GLY D 45 23.25 -3.64 -21.43
C GLY D 45 23.44 -3.24 -22.89
N HIS D 46 22.34 -3.16 -23.63
CA HIS D 46 22.39 -2.70 -25.01
C HIS D 46 22.71 -1.22 -25.12
N LEU D 47 22.41 -0.47 -24.05
CA LEU D 47 22.48 1.01 -24.02
C LEU D 47 23.90 1.55 -24.19
N ILE D 48 24.90 0.67 -24.17
CA ILE D 48 26.25 0.99 -24.64
C ILE D 48 26.24 1.48 -26.10
N THR D 49 25.28 1.00 -26.87
CA THR D 49 25.05 1.45 -28.26
C THR D 49 24.85 2.96 -28.37
N PHE D 50 24.45 3.61 -27.26
CA PHE D 50 24.09 5.04 -27.22
C PHE D 50 24.90 5.91 -26.26
N ASN D 51 25.75 5.32 -25.42
CA ASN D 51 26.46 6.11 -24.37
C ASN D 51 27.98 5.93 -24.33
N SER D 52 28.52 5.36 -25.40
CA SER D 52 29.96 5.04 -25.50
C SER D 52 30.74 5.95 -26.46
N GLY D 53 30.19 7.11 -26.74
CA GLY D 53 30.92 8.12 -27.50
C GLY D 53 30.83 7.99 -29.00
N LYS D 54 31.69 8.74 -29.66
CA LYS D 54 31.72 8.87 -31.13
C LYS D 54 31.98 7.53 -31.83
N SER D 55 32.65 6.61 -31.15
CA SER D 55 32.94 5.27 -31.72
C SER D 55 31.73 4.32 -31.95
N GLN D 56 30.51 4.76 -31.58
CA GLN D 56 29.25 4.00 -31.83
C GLN D 56 28.88 3.95 -33.30
N ASN D 57 29.20 5.04 -34.00
CA ASN D 57 28.94 5.21 -35.46
C ASN D 57 30.12 4.74 -36.32
N SER D 58 30.97 3.89 -35.74
CA SER D 58 32.16 3.37 -36.47
C SER D 58 31.74 2.48 -37.66
N PHE D 59 30.51 1.97 -37.60
CA PHE D 59 29.94 1.17 -38.70
C PHE D 59 29.70 1.99 -39.97
N ALA D 60 29.31 3.25 -39.79
CA ALA D 60 28.97 4.16 -40.91
C ALA D 60 30.02 4.29 -42.02
N LYS D 61 31.29 4.08 -41.69
CA LYS D 61 32.39 4.19 -42.67
C LYS D 61 32.32 3.10 -43.74
N LEU D 62 31.55 2.04 -43.45
CA LEU D 62 31.33 0.90 -44.38
C LEU D 62 30.10 1.05 -45.24
N LEU D 63 29.29 2.04 -44.89
CA LEU D 63 28.04 2.32 -45.60
C LEU D 63 28.24 3.38 -46.65
N ARG D 64 27.39 3.33 -47.67
CA ARG D 64 27.47 4.23 -48.80
C ARG D 64 26.10 4.79 -49.13
N ASN D 65 26.10 6.07 -49.51
CA ASN D 65 24.87 6.88 -49.62
C ASN D 65 24.00 6.75 -48.36
N PHE D 66 24.66 6.77 -47.22
CA PHE D 66 23.99 6.52 -45.95
C PHE D 66 23.24 7.76 -45.44
N ASN D 67 21.91 7.62 -45.45
CA ASN D 67 20.98 8.52 -44.77
C ASN D 67 20.47 7.86 -43.48
N PRO D 68 20.80 8.44 -42.33
CA PRO D 68 20.34 7.87 -41.06
C PRO D 68 18.82 7.92 -40.86
N MET D 69 18.14 8.88 -41.49
CA MET D 69 16.66 8.86 -41.60
C MET D 69 16.11 7.48 -42.00
N LEU D 70 16.81 6.82 -42.92
CA LEU D 70 16.31 5.61 -43.54
C LEU D 70 16.86 4.35 -42.88
N LEU D 71 17.49 4.54 -41.73
CA LEU D 71 17.91 3.42 -40.88
C LEU D 71 16.78 2.91 -40.00
N LEU D 72 16.75 1.59 -39.90
CA LEU D 72 15.91 0.88 -38.93
C LEU D 72 16.70 -0.19 -38.18
N HIS D 73 16.40 -0.33 -36.90
CA HIS D 73 16.86 -1.51 -36.13
C HIS D 73 16.25 -2.82 -36.65
N GLY D 74 17.09 -3.71 -37.14
CA GLY D 74 16.63 -4.92 -37.81
C GLY D 74 16.63 -6.16 -36.92
N GLU D 75 17.73 -6.36 -36.23
CA GLU D 75 17.85 -7.44 -35.24
C GLU D 75 18.69 -6.97 -34.07
N HIS D 76 18.48 -7.57 -32.91
CA HIS D 76 19.41 -7.38 -31.80
C HIS D 76 19.68 -8.62 -31.01
N TYR D 77 20.96 -8.77 -30.70
CA TYR D 77 21.49 -9.80 -29.85
C TYR D 77 22.24 -9.15 -28.68
N LEU D 78 22.05 -9.77 -27.52
CA LEU D 78 22.62 -9.30 -26.27
C LEU D 78 22.94 -10.50 -25.39
N LYS D 79 24.16 -10.50 -24.88
CA LYS D 79 24.54 -11.47 -23.85
C LYS D 79 25.07 -10.76 -22.59
N VAL D 80 24.62 -11.26 -21.46
CA VAL D 80 25.11 -10.83 -20.16
C VAL D 80 26.13 -11.86 -19.61
N HIS D 81 27.40 -11.47 -19.58
CA HIS D 81 28.49 -12.34 -19.11
C HIS D 81 28.79 -12.30 -17.60
N SER D 82 28.35 -11.25 -16.94
CA SER D 82 28.62 -11.07 -15.52
C SER D 82 27.28 -10.89 -14.82
N TRP D 83 26.86 -11.93 -14.12
CA TRP D 83 25.61 -11.92 -13.39
C TRP D 83 25.75 -11.49 -11.92
N PRO D 84 24.86 -10.66 -11.39
CA PRO D 84 23.79 -9.96 -12.10
C PRO D 84 24.29 -8.70 -12.78
N PRO D 85 23.55 -8.19 -13.75
CA PRO D 85 23.98 -6.97 -14.44
C PRO D 85 24.08 -5.78 -13.48
N PRO D 86 25.16 -4.99 -13.57
CA PRO D 86 25.40 -3.95 -12.56
C PRO D 86 24.41 -2.79 -12.63
N THR D 87 23.93 -2.41 -11.46
CA THR D 87 23.01 -1.30 -11.31
C THR D 87 23.75 0.02 -11.23
N GLU D 88 25.06 -0.03 -11.00
CA GLU D 88 25.87 1.17 -11.07
C GLU D 88 27.32 0.88 -11.41
N GLY D 89 27.97 1.85 -12.01
CA GLY D 89 29.36 1.69 -12.36
C GLY D 89 29.77 2.35 -13.67
N GLU D 90 30.95 1.95 -14.13
CA GLU D 90 31.55 2.48 -15.36
C GLU D 90 31.89 1.32 -16.30
N ILE D 91 31.46 1.44 -17.56
CA ILE D 91 31.61 0.38 -18.56
C ILE D 91 32.18 0.92 -19.88
N LYS D 92 33.37 0.41 -20.22
CA LYS D 92 34.12 0.75 -21.46
C LYS D 92 33.75 -0.20 -22.58
N THR D 93 33.34 0.35 -23.72
CA THR D 93 32.91 -0.47 -24.84
C THR D 93 33.82 -0.37 -26.08
N THR D 94 34.05 -1.53 -26.69
CA THR D 94 34.76 -1.68 -27.96
C THR D 94 33.81 -2.14 -29.08
N PHE D 95 33.82 -1.43 -30.20
CA PHE D 95 32.98 -1.80 -31.35
C PHE D 95 33.85 -2.40 -32.48
N GLU D 96 33.40 -3.48 -33.10
CA GLU D 96 34.00 -3.94 -34.37
C GLU D 96 32.89 -4.27 -35.38
N PRO D 97 33.15 -4.12 -36.66
CA PRO D 97 32.15 -4.51 -37.66
C PRO D 97 32.08 -6.03 -37.77
N ILE D 98 30.90 -6.56 -38.02
CA ILE D 98 30.73 -8.02 -38.13
C ILE D 98 30.42 -8.45 -39.55
N ALA D 99 29.58 -7.68 -40.22
CA ALA D 99 29.19 -8.03 -41.58
C ALA D 99 28.44 -6.89 -42.23
N THR D 100 28.57 -6.79 -43.55
CA THR D 100 27.71 -5.94 -44.35
C THR D 100 27.21 -6.78 -45.51
N THR D 101 25.92 -6.66 -45.80
CA THR D 101 25.30 -7.46 -46.86
C THR D 101 24.28 -6.63 -47.60
N PRO D 102 24.46 -6.43 -48.90
CA PRO D 102 23.42 -5.82 -49.72
C PRO D 102 22.21 -6.70 -49.78
N LYS D 103 21.04 -6.08 -49.72
CA LYS D 103 19.76 -6.76 -49.93
C LYS D 103 18.90 -5.86 -50.81
N GLY D 104 19.03 -6.06 -52.12
CA GLY D 104 18.40 -5.19 -53.10
C GLY D 104 18.96 -3.79 -53.05
N THR D 105 18.09 -2.78 -53.00
CA THR D 105 18.51 -1.39 -52.81
C THR D 105 18.87 -1.08 -51.33
N ASN D 106 18.47 -1.98 -50.42
CA ASN D 106 18.79 -1.91 -48.99
C ASN D 106 20.16 -2.49 -48.60
N VAL D 107 20.53 -2.27 -47.35
CA VAL D 107 21.72 -2.89 -46.75
C VAL D 107 21.42 -3.42 -45.33
N VAL D 108 21.92 -4.62 -45.05
CA VAL D 108 21.92 -5.21 -43.70
C VAL D 108 23.35 -5.18 -43.16
N ILE D 109 23.57 -4.42 -42.10
CA ILE D 109 24.89 -4.33 -41.47
C ILE D 109 24.79 -4.86 -40.06
N VAL D 110 25.79 -5.64 -39.67
CA VAL D 110 25.83 -6.24 -38.35
C VAL D 110 27.02 -5.63 -37.61
N HIS D 111 26.74 -5.02 -36.48
CA HIS D 111 27.74 -4.24 -35.77
C HIS D 111 27.88 -4.83 -34.38
N GLY D 112 29.08 -5.32 -34.13
CA GLY D 112 29.42 -5.97 -32.87
C GLY D 112 30.11 -5.08 -31.85
N SER D 113 30.11 -5.53 -30.60
CA SER D 113 30.66 -4.75 -29.49
C SER D 113 30.88 -5.60 -28.23
N LYS D 114 31.78 -5.14 -27.40
CA LYS D 114 32.11 -5.82 -26.15
C LYS D 114 32.26 -4.74 -25.12
N SER D 115 31.80 -5.00 -23.91
CA SER D 115 31.67 -3.95 -22.90
C SER D 115 32.19 -4.49 -21.58
N VAL D 116 33.30 -3.95 -21.11
CA VAL D 116 33.95 -4.42 -19.89
C VAL D 116 33.90 -3.38 -18.79
N ASP D 117 34.02 -3.82 -17.54
CA ASP D 117 34.12 -2.88 -16.40
C ASP D 117 35.37 -2.05 -16.56
N ASN D 118 35.21 -0.73 -16.53
CA ASN D 118 36.29 0.21 -16.83
C ASN D 118 37.43 0.21 -15.83
N LYS D 119 37.20 -0.27 -14.60
CA LYS D 119 38.28 -0.44 -13.59
C LYS D 119 38.85 -1.88 -13.54
N SER D 120 37.97 -2.88 -13.59
CA SER D 120 38.40 -4.30 -13.43
C SER D 120 38.82 -5.01 -14.75
N GLY D 121 38.23 -4.62 -15.86
CA GLY D 121 38.41 -5.31 -17.13
C GLY D 121 37.46 -6.51 -17.34
N GLU D 122 36.66 -6.81 -16.32
CA GLU D 122 35.73 -7.92 -16.39
C GLU D 122 34.70 -7.70 -17.49
N LEU D 123 34.51 -8.74 -18.31
CA LEU D 123 33.50 -8.73 -19.37
C LEU D 123 32.08 -8.78 -18.81
N ILE D 124 31.31 -7.72 -19.10
CA ILE D 124 29.93 -7.57 -18.63
C ILE D 124 28.91 -7.91 -19.73
N TYR D 125 29.04 -7.25 -20.88
CA TYR D 125 28.06 -7.32 -21.95
C TYR D 125 28.71 -7.56 -23.33
N SER D 126 28.06 -8.36 -24.16
CA SER D 126 28.32 -8.43 -25.59
C SER D 126 27.07 -7.98 -26.31
N ASN D 127 27.23 -7.33 -27.44
CA ASN D 127 26.07 -6.93 -28.24
C ASN D 127 26.38 -7.18 -29.71
N GLU D 128 25.36 -7.58 -30.45
CA GLU D 128 25.41 -7.52 -31.91
C GLU D 128 24.12 -6.87 -32.38
N ALA D 129 24.27 -5.67 -32.93
CA ALA D 129 23.15 -4.91 -33.47
C ALA D 129 23.13 -5.04 -34.96
N THR D 130 21.96 -5.39 -35.49
CA THR D 130 21.76 -5.50 -36.94
C THR D 130 20.91 -4.33 -37.42
N TYR D 131 21.46 -3.56 -38.37
CA TYR D 131 20.78 -2.41 -38.97
C TYR D 131 20.31 -2.71 -40.40
N PHE D 132 19.02 -2.47 -40.64
CA PHE D 132 18.42 -2.51 -41.98
C PHE D 132 18.25 -1.07 -42.49
N ILE D 133 18.99 -0.73 -43.53
CA ILE D 133 19.04 0.66 -44.03
C ILE D 133 18.52 0.74 -45.46
N ARG D 134 17.45 1.53 -45.65
CA ARG D 134 16.82 1.70 -46.96
C ARG D 134 17.62 2.71 -47.81
N ASN D 135 17.57 2.52 -49.14
CA ASN D 135 18.27 3.39 -50.14
C ASN D 135 19.76 3.65 -49.81
N CYS D 136 20.48 2.55 -49.60
CA CYS D 136 21.86 2.50 -49.06
C CYS D 136 22.60 1.33 -49.73
N GLN D 137 23.89 1.52 -49.99
CA GLN D 137 24.72 0.47 -50.59
C GLN D 137 25.92 0.16 -49.71
N ALA D 138 26.44 -1.05 -49.91
CA ALA D 138 27.59 -1.53 -49.15
C ALA D 138 28.24 -2.71 -49.84
N ASP D 139 29.47 -2.99 -49.47
CA ASP D 139 30.14 -4.20 -49.96
C ASP D 139 29.50 -5.46 -49.36
N ASN D 140 29.68 -6.59 -50.05
CA ASN D 140 29.35 -7.91 -49.47
C ASN D 140 30.53 -8.51 -48.70
N LYS D 141 30.56 -8.27 -47.40
CA LYS D 141 31.68 -8.70 -46.56
C LYS D 141 31.27 -9.38 -45.25
N VAL D 142 32.16 -10.24 -44.76
CA VAL D 142 32.02 -10.92 -43.47
C VAL D 142 33.36 -10.77 -42.71
N TYR D 143 33.34 -9.99 -41.64
CA TYR D 143 34.54 -9.71 -40.83
C TYR D 143 34.73 -10.57 -39.55
N ALA D 144 33.67 -11.19 -39.06
CA ALA D 144 33.79 -11.92 -37.80
C ALA D 144 32.82 -13.05 -37.65
N ASP D 145 33.31 -14.08 -36.98
CA ASP D 145 32.45 -15.18 -36.56
C ASP D 145 31.42 -14.64 -35.61
N ARG D 146 30.29 -15.33 -35.59
CA ARG D 146 29.15 -15.04 -34.75
C ARG D 146 28.77 -16.27 -33.91
N PRO D 147 28.40 -16.08 -32.64
CA PRO D 147 27.81 -17.19 -31.88
C PRO D 147 26.44 -17.58 -32.44
N ALA D 148 26.15 -18.87 -32.35
CA ALA D 148 24.93 -19.45 -32.92
C ALA D 148 23.63 -18.75 -32.46
N PHE D 149 23.61 -18.26 -31.21
CA PHE D 149 22.40 -17.64 -30.61
C PHE D 149 22.00 -16.35 -31.30
N ALA D 150 22.99 -15.61 -31.75
CA ALA D 150 22.78 -14.35 -32.45
C ALA D 150 22.22 -14.55 -33.84
N THR D 151 22.45 -15.73 -34.43
CA THR D 151 22.04 -16.05 -35.81
C THR D 151 20.90 -17.07 -35.93
N ASN D 152 20.55 -17.72 -34.83
CA ASN D 152 19.48 -18.73 -34.84
C ASN D 152 18.15 -18.19 -35.27
N GLN D 153 17.41 -19.03 -35.97
CA GLN D 153 16.08 -18.71 -36.47
C GLN D 153 15.02 -18.63 -35.40
N PHE D 154 15.10 -19.52 -34.41
CA PHE D 154 14.14 -19.61 -33.31
C PHE D 154 12.71 -19.56 -33.77
N LEU D 155 12.38 -20.46 -34.66
CA LEU D 155 11.06 -20.51 -35.25
C LEU D 155 10.08 -20.90 -34.19
N ALA D 156 8.95 -20.21 -34.16
CA ALA D 156 7.86 -20.61 -33.26
C ALA D 156 7.40 -22.01 -33.59
N PRO D 157 7.43 -22.92 -32.61
CA PRO D 157 6.92 -24.26 -32.86
C PRO D 157 5.47 -24.15 -33.22
N LYS D 158 4.94 -25.15 -33.90
CA LYS D 158 3.60 -25.04 -34.48
C LYS D 158 2.48 -25.13 -33.43
N ARG D 159 2.73 -25.81 -32.33
CA ARG D 159 1.72 -25.92 -31.24
C ARG D 159 1.30 -24.58 -30.61
N ALA D 160 0.19 -24.62 -29.88
CA ALA D 160 -0.27 -23.46 -29.12
C ALA D 160 0.85 -22.95 -28.18
N PRO D 161 0.92 -21.65 -27.99
CA PRO D 161 1.89 -21.08 -27.04
C PRO D 161 1.61 -21.53 -25.60
N ASP D 162 2.69 -21.67 -24.83
CA ASP D 162 2.60 -22.04 -23.41
C ASP D 162 2.19 -20.82 -22.58
N TYR D 163 2.53 -19.64 -23.07
CA TYR D 163 2.20 -18.41 -22.39
C TYR D 163 1.84 -17.35 -23.41
N GLN D 164 0.89 -16.54 -23.01
CA GLN D 164 0.38 -15.46 -23.85
C GLN D 164 -0.01 -14.31 -22.93
N VAL D 165 0.47 -13.11 -23.24
CA VAL D 165 0.14 -11.93 -22.45
C VAL D 165 0.16 -10.66 -23.32
N ASP D 166 -0.77 -9.78 -23.01
CA ASP D 166 -0.96 -8.51 -23.68
C ASP D 166 -0.31 -7.38 -22.89
N VAL D 167 0.38 -6.51 -23.60
CA VAL D 167 1.19 -5.42 -23.03
C VAL D 167 0.72 -4.07 -23.59
N PRO D 168 -0.05 -3.30 -22.84
CA PRO D 168 -0.39 -1.95 -23.28
C PRO D 168 0.83 -1.05 -23.43
N VAL D 169 0.77 -0.22 -24.46
CA VAL D 169 1.79 0.76 -24.75
C VAL D 169 1.17 2.16 -24.84
N SER D 170 1.72 3.06 -24.01
CA SER D 170 1.23 4.42 -23.93
C SER D 170 1.59 5.15 -25.20
N GLU D 171 0.71 6.06 -25.62
CA GLU D 171 0.96 6.96 -26.74
C GLU D 171 2.22 7.77 -26.51
N ASP D 172 2.54 8.03 -25.25
CA ASP D 172 3.70 8.85 -24.83
C ASP D 172 4.98 8.07 -24.53
N LEU D 173 4.94 6.75 -24.66
CA LEU D 173 6.01 5.93 -24.12
C LEU D 173 7.33 6.27 -24.78
N ALA D 174 7.27 6.50 -26.09
CA ALA D 174 8.48 6.78 -26.87
C ALA D 174 9.22 8.02 -26.32
N ALA D 175 8.47 8.98 -25.80
CA ALA D 175 9.04 10.22 -25.21
C ALA D 175 9.84 9.97 -23.93
N LEU D 176 9.46 8.94 -23.23
CA LEU D 176 10.09 8.54 -21.99
C LEU D 176 11.23 7.53 -22.21
N TYR D 177 10.97 6.50 -23.03
CA TYR D 177 11.97 5.47 -23.34
C TYR D 177 13.20 6.10 -23.96
N ARG D 178 13.00 7.09 -24.84
CA ARG D 178 14.14 7.71 -25.53
C ARG D 178 15.14 8.39 -24.58
N LEU D 179 14.74 8.65 -23.34
CA LEU D 179 15.62 9.26 -22.35
C LEU D 179 16.71 8.31 -21.87
N SER D 180 16.57 7.05 -22.20
CA SER D 180 17.56 6.06 -21.78
C SER D 180 18.78 6.11 -22.68
N GLY D 181 18.68 6.84 -23.79
CA GLY D 181 19.82 7.20 -24.63
C GLY D 181 19.58 7.34 -26.14
N ASP D 182 18.56 6.67 -26.68
CA ASP D 182 18.27 6.76 -28.11
C ASP D 182 17.41 7.96 -28.50
N ARG D 183 18.09 9.02 -28.88
CA ARG D 183 17.49 10.29 -29.26
C ARG D 183 17.06 10.43 -30.74
N ASN D 184 17.15 9.35 -31.50
CA ASN D 184 16.70 9.38 -32.91
C ASN D 184 15.35 10.12 -33.05
N PRO D 185 15.26 11.13 -33.94
CA PRO D 185 13.98 11.83 -34.18
C PRO D 185 12.85 10.96 -34.74
N LEU D 186 13.23 9.84 -35.32
CA LEU D 186 12.30 8.92 -35.92
C LEU D 186 11.11 8.60 -34.99
N GLN D 187 11.39 8.44 -33.70
CA GLN D 187 10.39 8.02 -32.70
C GLN D 187 9.66 9.13 -31.91
N ILE D 188 9.92 10.40 -32.25
CA ILE D 188 9.35 11.53 -31.51
C ILE D 188 8.85 12.72 -32.35
N ASP D 189 9.46 12.92 -33.51
CA ASP D 189 9.20 14.06 -34.42
C ASP D 189 8.41 13.65 -35.68
N PRO D 190 7.16 14.06 -35.78
CA PRO D 190 6.31 13.63 -36.90
C PRO D 190 6.88 13.96 -38.28
N ASN D 191 7.49 15.14 -38.42
CA ASN D 191 8.02 15.55 -39.73
C ASN D 191 9.24 14.73 -40.19
N PHE D 192 10.01 14.29 -39.20
CA PHE D 192 11.17 13.44 -39.45
C PHE D 192 10.75 12.00 -39.78
N ALA D 193 9.71 11.52 -39.11
CA ALA D 193 9.19 10.17 -39.37
C ALA D 193 8.55 10.13 -40.74
N LYS D 194 7.76 11.17 -41.05
CA LYS D 194 7.08 11.33 -42.35
C LYS D 194 8.08 11.24 -43.52
N GLY D 195 9.26 11.82 -43.32
CA GLY D 195 10.32 11.78 -44.32
C GLY D 195 10.95 10.40 -44.53
N ALA D 196 10.87 9.57 -43.50
CA ALA D 196 11.18 8.13 -43.59
C ALA D 196 9.97 7.25 -44.02
N LYS D 197 8.97 7.91 -44.63
CA LYS D 197 7.75 7.27 -45.18
C LYS D 197 6.88 6.55 -44.15
N PHE D 198 6.90 7.04 -42.90
CA PHE D 198 5.94 6.64 -41.86
C PHE D 198 4.94 7.76 -41.58
N PRO D 199 3.68 7.42 -41.33
CA PRO D 199 2.62 8.43 -41.14
C PRO D 199 2.75 9.23 -39.86
N LYS D 200 3.35 8.61 -38.87
CA LYS D 200 3.61 9.23 -37.58
C LYS D 200 4.82 8.56 -36.92
N PRO D 201 5.37 9.13 -35.84
CA PRO D 201 6.52 8.51 -35.20
C PRO D 201 6.25 7.08 -34.77
N ILE D 202 7.28 6.25 -34.85
CA ILE D 202 7.19 4.83 -34.49
C ILE D 202 7.83 4.57 -33.11
N LEU D 203 7.54 3.40 -32.53
CA LEU D 203 8.16 2.98 -31.29
C LEU D 203 9.55 2.42 -31.56
N HIS D 204 10.49 2.77 -30.67
CA HIS D 204 11.86 2.21 -30.71
C HIS D 204 11.80 0.67 -30.70
N GLY D 205 12.57 0.02 -31.55
CA GLY D 205 12.60 -1.43 -31.59
C GLY D 205 13.08 -2.01 -30.27
N MET D 206 14.04 -1.34 -29.65
CA MET D 206 14.61 -1.81 -28.39
C MET D 206 13.63 -1.62 -27.25
N CYS D 207 12.64 -0.75 -27.43
CA CYS D 207 11.55 -0.61 -26.46
C CYS D 207 10.64 -1.83 -26.53
N THR D 208 10.15 -2.16 -27.73
CA THR D 208 9.32 -3.37 -27.95
C THR D 208 9.95 -4.63 -27.35
N TYR D 209 11.24 -4.65 -27.53
CA TYR D 209 12.12 -5.74 -27.16
C TYR D 209 12.26 -5.90 -25.65
N GLY D 210 12.47 -4.74 -25.01
CA GLY D 210 12.50 -4.60 -23.57
C GLY D 210 11.18 -4.89 -22.91
N LEU D 211 10.09 -4.52 -23.55
CA LEU D 211 8.73 -4.76 -23.04
C LEU D 211 8.42 -6.25 -23.06
N SER D 212 8.85 -6.86 -24.16
CA SER D 212 8.71 -8.30 -24.36
C SER D 212 9.54 -9.04 -23.30
N ALA D 213 10.78 -8.59 -23.14
CA ALA D 213 11.69 -9.10 -22.09
C ALA D 213 11.09 -9.05 -20.68
N LYS D 214 10.58 -7.88 -20.34
CA LYS D 214 9.95 -7.63 -19.06
C LYS D 214 8.80 -8.61 -18.80
N ALA D 215 7.93 -8.77 -19.78
CA ALA D 215 6.77 -9.67 -19.66
C ALA D 215 7.24 -11.11 -19.53
N LEU D 216 8.27 -11.46 -20.29
CA LEU D 216 8.89 -12.77 -20.16
C LEU D 216 9.46 -13.00 -18.73
N ILE D 217 10.09 -11.99 -18.17
CA ILE D 217 10.72 -12.15 -16.88
C ILE D 217 9.64 -12.35 -15.81
N ASP D 218 8.53 -11.65 -15.99
CA ASP D 218 7.42 -11.74 -15.04
C ASP D 218 6.89 -13.18 -14.91
N LYS D 219 7.02 -13.95 -15.98
CA LYS D 219 6.55 -15.34 -16.00
C LYS D 219 7.59 -16.41 -15.65
N PHE D 220 8.73 -16.26 -16.28
CA PHE D 220 9.77 -17.29 -16.35
C PHE D 220 11.02 -16.90 -15.57
N GLY D 221 11.05 -15.67 -15.08
CA GLY D 221 12.21 -15.11 -14.43
C GLY D 221 13.31 -14.66 -15.39
N MET D 222 14.48 -14.47 -14.80
CA MET D 222 15.52 -13.67 -15.42
C MET D 222 16.22 -14.47 -16.54
N PHE D 223 16.77 -13.73 -17.49
CA PHE D 223 17.55 -14.34 -18.57
C PHE D 223 18.90 -13.66 -18.72
N ASN D 224 19.89 -14.35 -19.28
CA ASN D 224 21.21 -13.74 -19.55
C ASN D 224 21.63 -13.64 -21.02
N GLU D 225 20.70 -13.91 -21.91
CA GLU D 225 20.99 -13.93 -23.34
C GLU D 225 19.68 -13.74 -24.09
N ILE D 226 19.72 -12.94 -25.14
CA ILE D 226 18.50 -12.62 -25.87
C ILE D 226 18.85 -12.24 -27.31
N LYS D 227 17.94 -12.54 -28.21
CA LYS D 227 18.09 -12.29 -29.63
C LYS D 227 16.72 -12.24 -30.20
N ALA D 228 16.53 -11.28 -31.08
CA ALA D 228 15.25 -11.06 -31.74
C ALA D 228 15.40 -10.38 -33.13
N ARG D 229 14.50 -10.73 -34.04
CA ARG D 229 14.29 -9.96 -35.28
C ARG D 229 13.05 -9.03 -35.20
N PHE D 230 13.29 -7.78 -35.56
CA PHE D 230 12.24 -6.78 -35.69
C PHE D 230 11.62 -6.84 -37.08
N THR D 231 10.46 -7.47 -37.20
CA THR D 231 9.84 -7.83 -38.51
C THR D 231 8.73 -6.90 -38.92
N GLY D 232 8.30 -6.06 -37.99
CA GLY D 232 7.10 -5.25 -38.16
C GLY D 232 7.14 -3.99 -37.29
N ILE D 233 6.75 -2.88 -37.88
CA ILE D 233 6.76 -1.60 -37.13
C ILE D 233 5.70 -1.54 -36.04
N VAL D 234 6.02 -0.86 -34.98
CA VAL D 234 5.09 -0.62 -33.89
C VAL D 234 4.89 0.88 -33.74
N PHE D 235 3.66 1.28 -33.48
CA PHE D 235 3.36 2.68 -33.17
C PHE D 235 3.08 2.81 -31.67
N PRO D 236 3.57 3.87 -31.05
CA PRO D 236 3.16 4.21 -29.70
C PRO D 236 1.64 4.23 -29.56
N GLY D 237 1.14 3.55 -28.51
CA GLY D 237 -0.30 3.44 -28.25
C GLY D 237 -0.85 2.05 -28.57
N GLU D 238 -0.07 1.28 -29.32
CA GLU D 238 -0.55 0.00 -29.83
C GLU D 238 -0.25 -1.08 -28.84
N THR D 239 -1.29 -1.82 -28.48
CA THR D 239 -1.15 -2.96 -27.58
C THR D 239 -0.37 -4.10 -28.25
N LEU D 240 0.63 -4.57 -27.54
CA LEU D 240 1.47 -5.66 -28.01
C LEU D 240 0.95 -6.94 -27.40
N ARG D 241 1.20 -8.05 -28.08
CA ARG D 241 0.86 -9.36 -27.55
C ARG D 241 2.10 -10.24 -27.62
N VAL D 242 2.56 -10.67 -26.45
CA VAL D 242 3.71 -11.56 -26.37
C VAL D 242 3.28 -13.03 -26.33
N LEU D 243 3.90 -13.83 -27.17
CA LEU D 243 3.62 -15.26 -27.28
C LEU D 243 4.90 -16.00 -26.93
N ALA D 244 4.81 -16.98 -26.05
CA ALA D 244 6.01 -17.67 -25.59
C ALA D 244 5.87 -19.20 -25.56
N TRP D 245 6.93 -19.89 -25.97
CA TRP D 245 7.01 -21.35 -25.98
C TRP D 245 8.22 -21.82 -25.21
N LYS D 246 7.99 -22.66 -24.21
CA LYS D 246 9.08 -23.33 -23.48
C LYS D 246 9.71 -24.46 -24.33
N GLU D 247 10.92 -24.23 -24.83
CA GLU D 247 11.56 -25.15 -25.84
C GLU D 247 12.69 -26.08 -25.33
N SER D 248 13.00 -25.91 -24.06
CA SER D 248 13.98 -26.71 -23.32
C SER D 248 13.97 -26.10 -21.90
N ASP D 249 14.78 -26.65 -21.00
CA ASP D 249 14.94 -26.07 -19.63
C ASP D 249 15.68 -24.70 -19.67
N ASP D 250 16.43 -24.51 -20.76
CA ASP D 250 17.26 -23.34 -20.99
C ASP D 250 16.44 -22.24 -21.67
N THR D 251 15.59 -22.59 -22.64
CA THR D 251 15.21 -21.64 -23.71
C THR D 251 13.74 -21.33 -23.92
N ILE D 252 13.40 -20.05 -23.88
CA ILE D 252 12.06 -19.59 -24.26
C ILE D 252 12.10 -18.92 -25.66
N VAL D 253 11.44 -19.53 -26.63
CA VAL D 253 11.29 -18.96 -27.96
C VAL D 253 10.09 -18.05 -27.90
N PHE D 254 10.14 -16.90 -28.54
CA PHE D 254 8.99 -16.02 -28.43
C PHE D 254 8.72 -15.17 -29.66
N GLN D 255 7.54 -14.58 -29.64
CA GLN D 255 7.07 -13.67 -30.68
C GLN D 255 6.31 -12.54 -30.04
N THR D 256 6.41 -11.34 -30.61
CA THR D 256 5.58 -10.19 -30.17
C THR D 256 4.76 -9.67 -31.33
N HIS D 257 3.43 -9.66 -31.18
CA HIS D 257 2.53 -9.24 -32.25
C HIS D 257 1.90 -7.90 -31.90
N VAL D 258 1.59 -7.11 -32.92
CA VAL D 258 0.73 -5.94 -32.77
C VAL D 258 -0.71 -6.39 -32.97
N VAL D 259 -1.49 -6.36 -31.89
CA VAL D 259 -2.89 -6.88 -31.84
C VAL D 259 -3.85 -6.30 -32.91
N ASP D 260 -4.01 -4.99 -32.84
CA ASP D 260 -4.92 -4.27 -33.73
C ASP D 260 -4.69 -4.53 -35.23
N ARG D 261 -3.42 -4.52 -35.64
CA ARG D 261 -3.07 -4.65 -37.06
C ARG D 261 -2.83 -6.10 -37.49
N GLY D 262 -2.80 -7.01 -36.51
CA GLY D 262 -2.55 -8.42 -36.74
C GLY D 262 -1.20 -8.74 -37.37
N THR D 263 -0.19 -8.02 -36.91
CA THR D 263 1.17 -8.14 -37.45
C THR D 263 2.12 -8.72 -36.42
N ILE D 264 3.26 -9.20 -36.90
CA ILE D 264 4.34 -9.63 -36.01
C ILE D 264 5.39 -8.53 -35.94
N ALA D 265 5.48 -7.91 -34.77
CA ALA D 265 6.49 -6.89 -34.48
C ALA D 265 7.89 -7.52 -34.28
N ILE D 266 7.95 -8.57 -33.48
CA ILE D 266 9.19 -9.30 -33.23
C ILE D 266 8.99 -10.78 -33.57
N ASN D 267 9.90 -11.32 -34.37
CA ASN D 267 9.89 -12.73 -34.67
C ASN D 267 11.31 -13.28 -34.47
N ASN D 268 11.48 -14.60 -34.64
CA ASN D 268 12.79 -15.22 -34.66
C ASN D 268 13.61 -14.85 -33.42
N ALA D 269 12.96 -15.03 -32.26
CA ALA D 269 13.43 -14.53 -30.98
C ALA D 269 13.45 -15.57 -29.85
N ALA D 270 14.37 -15.38 -28.93
CA ALA D 270 14.50 -16.28 -27.79
C ALA D 270 15.22 -15.65 -26.65
N ILE D 271 14.97 -16.19 -25.45
CA ILE D 271 15.75 -15.87 -24.27
C ILE D 271 16.36 -17.14 -23.73
N LYS D 272 17.54 -17.01 -23.16
CA LYS D 272 18.16 -18.09 -22.43
C LYS D 272 18.10 -17.82 -20.94
N LEU D 273 17.28 -18.59 -20.23
CA LEU D 273 17.08 -18.40 -18.79
C LEU D 273 18.37 -18.68 -17.99
N VAL D 274 18.51 -17.95 -16.88
CA VAL D 274 19.69 -18.09 -15.98
C VAL D 274 19.74 -19.48 -15.32
N GLY D 275 18.57 -20.04 -15.05
CA GLY D 275 18.47 -21.37 -14.43
C GLY D 275 18.94 -21.44 -12.98
N ASP D 276 19.24 -22.67 -12.55
CA ASP D 276 19.62 -22.99 -11.17
C ASP D 276 21.05 -22.55 -10.90
#